data_1TJB
# 
_entry.id   1TJB 
# 
_audit_conform.dict_name       mmcif_pdbx.dic 
_audit_conform.dict_version    5.397 
_audit_conform.dict_location   http://mmcif.pdb.org/dictionaries/ascii/mmcif_pdbx.dic 
# 
loop_
_database_2.database_id 
_database_2.database_code 
_database_2.pdbx_database_accession 
_database_2.pdbx_DOI 
PDB   1TJB         pdb_00001tjb 10.2210/pdb1tjb/pdb 
RCSB  RCSB022681   ?            ?                   
WWPDB D_1000022681 ?            ?                   
# 
loop_
_pdbx_audit_revision_history.ordinal 
_pdbx_audit_revision_history.data_content_type 
_pdbx_audit_revision_history.major_revision 
_pdbx_audit_revision_history.minor_revision 
_pdbx_audit_revision_history.revision_date 
1 'Structure model' 1 0 2004-08-03 
2 'Structure model' 1 1 2008-04-30 
3 'Structure model' 1 2 2011-07-13 
4 'Structure model' 1 3 2024-10-09 
# 
_pdbx_audit_revision_details.ordinal             1 
_pdbx_audit_revision_details.revision_ordinal    1 
_pdbx_audit_revision_details.data_content_type   'Structure model' 
_pdbx_audit_revision_details.provider            repository 
_pdbx_audit_revision_details.type                'Initial release' 
_pdbx_audit_revision_details.description         ? 
_pdbx_audit_revision_details.details             ? 
# 
loop_
_pdbx_audit_revision_group.ordinal 
_pdbx_audit_revision_group.revision_ordinal 
_pdbx_audit_revision_group.data_content_type 
_pdbx_audit_revision_group.group 
1 2 'Structure model' 'Version format compliance' 
2 3 'Structure model' 'Version format compliance' 
3 4 'Structure model' 'Data collection'           
4 4 'Structure model' 'Database references'       
5 4 'Structure model' 'Derived calculations'      
6 4 'Structure model' 'Structure summary'         
# 
loop_
_pdbx_audit_revision_category.ordinal 
_pdbx_audit_revision_category.revision_ordinal 
_pdbx_audit_revision_category.data_content_type 
_pdbx_audit_revision_category.category 
1 4 'Structure model' chem_comp_atom            
2 4 'Structure model' chem_comp_bond            
3 4 'Structure model' database_2                
4 4 'Structure model' pdbx_entry_details        
5 4 'Structure model' pdbx_modification_feature 
6 4 'Structure model' struct_conn               
7 4 'Structure model' struct_site               
# 
loop_
_pdbx_audit_revision_item.ordinal 
_pdbx_audit_revision_item.revision_ordinal 
_pdbx_audit_revision_item.data_content_type 
_pdbx_audit_revision_item.item 
1 4 'Structure model' '_database_2.pdbx_DOI'                
2 4 'Structure model' '_database_2.pdbx_database_accession' 
3 4 'Structure model' '_struct_conn.pdbx_leaving_atom_flag' 
4 4 'Structure model' '_struct_site.pdbx_auth_asym_id'      
5 4 'Structure model' '_struct_site.pdbx_auth_comp_id'      
6 4 'Structure model' '_struct_site.pdbx_auth_seq_id'       
# 
_pdbx_database_status.status_code                     REL 
_pdbx_database_status.entry_id                        1TJB 
_pdbx_database_status.recvd_initial_deposition_date   2004-06-03 
_pdbx_database_status.deposit_site                    RCSB 
_pdbx_database_status.process_site                    RCSB 
_pdbx_database_status.status_code_sf                  REL 
_pdbx_database_status.SG_entry                        . 
_pdbx_database_status.pdb_format_compatible           Y 
_pdbx_database_status.status_code_mr                  ? 
_pdbx_database_status.status_code_cs                  ? 
_pdbx_database_status.status_code_nmr_data            ? 
_pdbx_database_status.methods_development_category    ? 
# 
_pdbx_database_related.db_name        PDB 
_pdbx_database_related.db_id          1NCZ 
_pdbx_database_related.details        'Peptide design based on residues 104-120 of troponin C' 
_pdbx_database_related.content_type   unspecified 
# 
loop_
_audit_author.name 
_audit_author.pdbx_ordinal 
'Nitz, M.'      1 
'Sherawat, M.'  2 
'Franz, K.J.'   3 
'Peisach, E.'   4 
'Allen, K.N.'   5 
'Imperiali, B.' 6 
# 
loop_
_citation.id 
_citation.title 
_citation.journal_abbrev 
_citation.journal_volume 
_citation.page_first 
_citation.page_last 
_citation.year 
_citation.journal_id_ASTM 
_citation.country 
_citation.journal_id_ISSN 
_citation.journal_id_CSD 
_citation.book_publisher 
_citation.pdbx_database_id_PubMed 
_citation.pdbx_database_id_DOI 
primary 'Structural Origin of the High Affinity of a Chemically Evolved Lanthanide-Binding Peptide' Angew.Chem.Int.Ed.Engl. 43 
3682 3685 2004 ACIEAY GE 0570-0833 0179 ? 15248272 10.1002/anie.200460028 
1       'Lanthanide-binding tags as versatile protein coexpression probes'                          Chembiochem             4  265 
271  2003 ?      GE 1439-4227 ?    ? ?        10.1002/cbic.200390046 
# 
loop_
_citation_author.citation_id 
_citation_author.name 
_citation_author.ordinal 
_citation_author.identifier_ORCID 
primary 'Nitz, M.'      1 ? 
primary 'Sherawat, M.'  2 ? 
primary 'Franz, K.J.'   3 ? 
primary 'Peisach, E.'   4 ? 
primary 'Allen, K.N.'   5 ? 
primary 'Imperiali, B.' 6 ? 
1       'Franz, K.J.'   7 ? 
1       'Nitz, M.'      8 ? 
1       'Imperiali, B.' 9 ? 
# 
loop_
_entity.id 
_entity.type 
_entity.src_method 
_entity.pdbx_description 
_entity.formula_weight 
_entity.pdbx_number_of_molecules 
_entity.pdbx_ec 
_entity.pdbx_mutation 
_entity.pdbx_fragment 
_entity.details 
1 polymer     syn 'Lanthanide-Binding Peptide' 1986.036 2  ? ? ? ? 
2 non-polymer syn 'TERBIUM(III) ION'           158.925  2  ? ? ? ? 
3 non-polymer syn 'CHLORIDE ION'               35.453   3  ? ? ? ? 
4 water       nat water                        18.015   45 ? ? ? ? 
# 
_entity_poly.entity_id                      1 
_entity_poly.type                           'polypeptide(L)' 
_entity_poly.nstd_linkage                   no 
_entity_poly.nstd_monomer                   yes 
_entity_poly.pdbx_seq_one_letter_code       'YIDTNNDGWYEGDELLA(NH2)' 
_entity_poly.pdbx_seq_one_letter_code_can   YIDTNNDGWYEGDELLAX 
_entity_poly.pdbx_strand_id                 A,B 
_entity_poly.pdbx_target_identifier         ? 
# 
loop_
_pdbx_entity_nonpoly.entity_id 
_pdbx_entity_nonpoly.name 
_pdbx_entity_nonpoly.comp_id 
2 'TERBIUM(III) ION' TB  
3 'CHLORIDE ION'     CL  
4 water              HOH 
# 
loop_
_entity_poly_seq.entity_id 
_entity_poly_seq.num 
_entity_poly_seq.mon_id 
_entity_poly_seq.hetero 
1 1  TYR n 
1 2  ILE n 
1 3  ASP n 
1 4  THR n 
1 5  ASN n 
1 6  ASN n 
1 7  ASP n 
1 8  GLY n 
1 9  TRP n 
1 10 TYR n 
1 11 GLU n 
1 12 GLY n 
1 13 ASP n 
1 14 GLU n 
1 15 LEU n 
1 16 LEU n 
1 17 ALA n 
1 18 NH2 n 
# 
_pdbx_entity_src_syn.entity_id              1 
_pdbx_entity_src_syn.pdbx_src_id            1 
_pdbx_entity_src_syn.pdbx_alt_source_flag   sample 
_pdbx_entity_src_syn.pdbx_beg_seq_num       ? 
_pdbx_entity_src_syn.pdbx_end_seq_num       ? 
_pdbx_entity_src_syn.organism_scientific    ? 
_pdbx_entity_src_syn.organism_common_name   ? 
_pdbx_entity_src_syn.ncbi_taxonomy_id       ? 
_pdbx_entity_src_syn.details                'Peptide prepared by automated solid phase peptide synthesis' 
# 
loop_
_chem_comp.id 
_chem_comp.type 
_chem_comp.mon_nstd_flag 
_chem_comp.name 
_chem_comp.pdbx_synonyms 
_chem_comp.formula 
_chem_comp.formula_weight 
ALA 'L-peptide linking' y ALANINE            ? 'C3 H7 N O2'    89.093  
ASN 'L-peptide linking' y ASPARAGINE         ? 'C4 H8 N2 O3'   132.118 
ASP 'L-peptide linking' y 'ASPARTIC ACID'    ? 'C4 H7 N O4'    133.103 
CL  non-polymer         . 'CHLORIDE ION'     ? 'Cl -1'         35.453  
GLU 'L-peptide linking' y 'GLUTAMIC ACID'    ? 'C5 H9 N O4'    147.129 
GLY 'peptide linking'   y GLYCINE            ? 'C2 H5 N O2'    75.067  
HOH non-polymer         . WATER              ? 'H2 O'          18.015  
ILE 'L-peptide linking' y ISOLEUCINE         ? 'C6 H13 N O2'   131.173 
LEU 'L-peptide linking' y LEUCINE            ? 'C6 H13 N O2'   131.173 
NH2 non-polymer         . 'AMINO GROUP'      ? 'H2 N'          16.023  
TB  non-polymer         . 'TERBIUM(III) ION' ? 'Tb 3'          158.925 
THR 'L-peptide linking' y THREONINE          ? 'C4 H9 N O3'    119.119 
TRP 'L-peptide linking' y TRYPTOPHAN         ? 'C11 H12 N2 O2' 204.225 
TYR 'L-peptide linking' y TYROSINE           ? 'C9 H11 N O3'   181.189 
# 
loop_
_pdbx_poly_seq_scheme.asym_id 
_pdbx_poly_seq_scheme.entity_id 
_pdbx_poly_seq_scheme.seq_id 
_pdbx_poly_seq_scheme.mon_id 
_pdbx_poly_seq_scheme.ndb_seq_num 
_pdbx_poly_seq_scheme.pdb_seq_num 
_pdbx_poly_seq_scheme.auth_seq_num 
_pdbx_poly_seq_scheme.pdb_mon_id 
_pdbx_poly_seq_scheme.auth_mon_id 
_pdbx_poly_seq_scheme.pdb_strand_id 
_pdbx_poly_seq_scheme.pdb_ins_code 
_pdbx_poly_seq_scheme.hetero 
A 1 1  TYR 1  99  99  TYR TYR A . n 
A 1 2  ILE 2  100 100 ILE ILE A . n 
A 1 3  ASP 3  101 101 ASP ASP A . n 
A 1 4  THR 4  102 102 THR THR A . n 
A 1 5  ASN 5  103 103 ASN ASN A . n 
A 1 6  ASN 6  104 104 ASN ASN A . n 
A 1 7  ASP 7  105 105 ASP ASP A . n 
A 1 8  GLY 8  106 106 GLY GLY A . n 
A 1 9  TRP 9  107 107 TRP TRP A . n 
A 1 10 TYR 10 108 108 TYR TYR A . n 
A 1 11 GLU 11 109 109 GLU GLU A . n 
A 1 12 GLY 12 110 110 GLY GLY A . n 
A 1 13 ASP 13 111 111 ASP ASP A . n 
A 1 14 GLU 14 112 112 GLU GLU A . n 
A 1 15 LEU 15 113 113 LEU LEU A . n 
A 1 16 LEU 16 114 114 LEU LEU A . n 
A 1 17 ALA 17 115 115 ALA ALA A . n 
A 1 18 NH2 18 116 116 NH2 NH2 A . n 
B 1 1  TYR 1  99  99  TYR TYR B . n 
B 1 2  ILE 2  100 100 ILE ILE B . n 
B 1 3  ASP 3  101 101 ASP ASP B . n 
B 1 4  THR 4  102 102 THR THR B . n 
B 1 5  ASN 5  103 103 ASN ASN B . n 
B 1 6  ASN 6  104 104 ASN ASN B . n 
B 1 7  ASP 7  105 105 ASP ASP B . n 
B 1 8  GLY 8  106 106 GLY GLY B . n 
B 1 9  TRP 9  107 107 TRP TRP B . n 
B 1 10 TYR 10 108 108 TYR TYR B . n 
B 1 11 GLU 11 109 109 GLU GLU B . n 
B 1 12 GLY 12 110 110 GLY GLY B . n 
B 1 13 ASP 13 111 111 ASP ASP B . n 
B 1 14 GLU 14 112 112 GLU GLU B . n 
B 1 15 LEU 15 113 113 LEU LEU B . n 
B 1 16 LEU 16 114 114 LEU LEU B . n 
B 1 17 ALA 17 115 115 ALA ALA B . n 
B 1 18 NH2 18 116 116 NH2 NH2 B . n 
# 
loop_
_pdbx_nonpoly_scheme.asym_id 
_pdbx_nonpoly_scheme.entity_id 
_pdbx_nonpoly_scheme.mon_id 
_pdbx_nonpoly_scheme.ndb_seq_num 
_pdbx_nonpoly_scheme.pdb_seq_num 
_pdbx_nonpoly_scheme.auth_seq_num 
_pdbx_nonpoly_scheme.pdb_mon_id 
_pdbx_nonpoly_scheme.auth_mon_id 
_pdbx_nonpoly_scheme.pdb_strand_id 
_pdbx_nonpoly_scheme.pdb_ins_code 
C 2 TB  1  201 201 TB  TB  A . 
D 3 CL  1  203 203 CL  CL  A . 
E 3 CL  1  204 204 CL  CL  A . 
F 3 CL  1  205 205 CL  CL  A . 
G 2 TB  1  202 202 TB  TB  B . 
H 4 HOH 1  2   2   HOH WAT A . 
H 4 HOH 2  3   3   HOH WAT A . 
H 4 HOH 3  7   7   HOH WAT A . 
H 4 HOH 4  8   8   HOH WAT A . 
H 4 HOH 5  9   9   HOH WAT A . 
H 4 HOH 6  10  10  HOH WAT A . 
H 4 HOH 7  12  12  HOH WAT A . 
H 4 HOH 8  13  13  HOH WAT A . 
H 4 HOH 9  16  16  HOH WAT A . 
H 4 HOH 10 17  17  HOH WAT A . 
H 4 HOH 11 18  18  HOH WAT A . 
H 4 HOH 12 19  19  HOH WAT A . 
H 4 HOH 13 20  20  HOH WAT A . 
H 4 HOH 14 23  23  HOH WAT A . 
H 4 HOH 15 26  26  HOH WAT A . 
H 4 HOH 16 27  27  HOH WAT A . 
H 4 HOH 17 29  29  HOH WAT A . 
H 4 HOH 18 30  30  HOH WAT A . 
H 4 HOH 19 32  32  HOH WAT A . 
H 4 HOH 20 35  35  HOH WAT A . 
H 4 HOH 21 36  36  HOH WAT A . 
H 4 HOH 22 38  38  HOH WAT A . 
H 4 HOH 23 39  39  HOH WAT A . 
H 4 HOH 24 42  42  HOH WAT A . 
H 4 HOH 25 43  43  HOH WAT A . 
H 4 HOH 26 45  45  HOH WAT A . 
I 4 HOH 1  1   1   HOH WAT B . 
I 4 HOH 2  4   4   HOH WAT B . 
I 4 HOH 3  5   5   HOH WAT B . 
I 4 HOH 4  6   6   HOH WAT B . 
I 4 HOH 5  11  11  HOH WAT B . 
I 4 HOH 6  14  14  HOH WAT B . 
I 4 HOH 7  15  15  HOH WAT B . 
I 4 HOH 8  21  21  HOH WAT B . 
I 4 HOH 9  22  22  HOH WAT B . 
I 4 HOH 10 24  24  HOH WAT B . 
I 4 HOH 11 25  25  HOH WAT B . 
I 4 HOH 12 28  28  HOH WAT B . 
I 4 HOH 13 31  31  HOH WAT B . 
I 4 HOH 14 33  33  HOH WAT B . 
I 4 HOH 15 34  34  HOH WAT B . 
I 4 HOH 16 37  37  HOH WAT B . 
I 4 HOH 17 40  40  HOH WAT B . 
I 4 HOH 18 41  41  HOH WAT B . 
I 4 HOH 19 44  44  HOH WAT B . 
# 
loop_
_software.name 
_software.classification 
_software.version 
_software.citation_id 
_software.pdbx_ordinal 
DENZO     'data reduction' . ? 1 
SCALEPACK 'data scaling'   . ? 2 
SOLVE     phasing          . ? 3 
CNS       refinement       . ? 4 
# 
_cell.entry_id           1TJB 
_cell.length_a           52.160 
_cell.length_b           22.270 
_cell.length_c           30.030 
_cell.angle_alpha        90.00 
_cell.angle_beta         103.89 
_cell.angle_gamma        90.00 
_cell.Z_PDB              8 
_cell.pdbx_unique_axis   ? 
# 
_symmetry.entry_id                         1TJB 
_symmetry.space_group_name_H-M             'C 1 2 1' 
_symmetry.pdbx_full_space_group_name_H-M   ? 
_symmetry.cell_setting                     ? 
_symmetry.Int_Tables_number                5 
_symmetry.space_group_name_Hall            ? 
# 
_exptl.entry_id          1TJB 
_exptl.method            'X-RAY DIFFRACTION' 
_exptl.crystals_number   1 
# 
_exptl_crystal.id                    1 
_exptl_crystal.density_meas          ? 
_exptl_crystal.density_Matthews      2.3 
_exptl_crystal.density_percent_sol   46 
_exptl_crystal.description           ? 
_exptl_crystal.F_000                 ? 
_exptl_crystal.preparation           ? 
# 
_exptl_crystal_grow.crystal_id      1 
_exptl_crystal_grow.method          'VAPOR DIFFUSION, SITTING DROP' 
_exptl_crystal_grow.temp            298 
_exptl_crystal_grow.temp_details    ? 
_exptl_crystal_grow.pH              6.5 
_exptl_crystal_grow.pdbx_details    
't-Butanol, Terbium Chloride, sodium chloride, tris, pH 6.5, VAPOR DIFFUSION, SITTING DROP, temperature 298K' 
_exptl_crystal_grow.pdbx_pH_range   . 
# 
_diffrn.id                     1 
_diffrn.ambient_temp           100 
_diffrn.ambient_temp_details   ? 
_diffrn.crystal_id             1 
# 
_diffrn_detector.diffrn_id              1 
_diffrn_detector.detector               'IMAGE PLATE' 
_diffrn_detector.type                   'RIGAKU RAXIS IV' 
_diffrn_detector.pdbx_collection_date   2003-07-26 
_diffrn_detector.details                'Osmic Mirrors' 
# 
_diffrn_radiation.diffrn_id                        1 
_diffrn_radiation.wavelength_id                    1 
_diffrn_radiation.pdbx_monochromatic_or_laue_m_l   M 
_diffrn_radiation.monochromator                    'OSMIC MIRRORS' 
_diffrn_radiation.pdbx_diffrn_protocol             'SINGLE WAVELENGTH' 
_diffrn_radiation.pdbx_scattering_type             x-ray 
# 
_diffrn_radiation_wavelength.id           1 
_diffrn_radiation_wavelength.wavelength   1.5418 
_diffrn_radiation_wavelength.wt           1.0 
# 
_diffrn_source.diffrn_id                   1 
_diffrn_source.source                      'ROTATING ANODE' 
_diffrn_source.type                        'RIGAKU RU300' 
_diffrn_source.pdbx_synchrotron_site       ? 
_diffrn_source.pdbx_synchrotron_beamline   ? 
_diffrn_source.pdbx_wavelength             ? 
_diffrn_source.pdbx_wavelength_list        1.5418 
# 
_reflns.entry_id                     1TJB 
_reflns.observed_criterion_sigma_F   0 
_reflns.observed_criterion_sigma_I   0 
_reflns.d_resolution_high            2.0 
_reflns.d_resolution_low             55.0 
_reflns.number_all                   2315 
_reflns.number_obs                   2315 
_reflns.percent_possible_obs         99.1 
_reflns.pdbx_Rmerge_I_obs            0.107 
_reflns.pdbx_Rsym_value              ? 
_reflns.pdbx_netI_over_sigmaI        15.2 
_reflns.B_iso_Wilson_estimate        6.8 
_reflns.pdbx_redundancy              3.6 
_reflns.R_free_details               ? 
_reflns.limit_h_max                  ? 
_reflns.limit_h_min                  ? 
_reflns.limit_k_max                  ? 
_reflns.limit_k_min                  ? 
_reflns.limit_l_max                  ? 
_reflns.limit_l_min                  ? 
_reflns.observed_criterion_F_max     ? 
_reflns.observed_criterion_F_min     ? 
_reflns.pdbx_chi_squared             ? 
_reflns.pdbx_scaling_rejects         ? 
_reflns.pdbx_diffrn_id               1 
_reflns.pdbx_ordinal                 1 
# 
_reflns_shell.d_res_high             2.0 
_reflns_shell.d_res_low              2.07 
_reflns_shell.percent_possible_all   100.0 
_reflns_shell.Rmerge_I_obs           0.171 
_reflns_shell.pdbx_Rsym_value        ? 
_reflns_shell.meanI_over_sigI_obs    7.8 
_reflns_shell.pdbx_redundancy        3.8 
_reflns_shell.percent_possible_obs   ? 
_reflns_shell.number_unique_all      212 
_reflns_shell.number_measured_all    ? 
_reflns_shell.number_measured_obs    ? 
_reflns_shell.number_unique_obs      ? 
_reflns_shell.pdbx_chi_squared       ? 
_reflns_shell.pdbx_diffrn_id         ? 
_reflns_shell.pdbx_ordinal           1 
# 
_refine.entry_id                                 1TJB 
_refine.ls_d_res_high                            2.0 
_refine.ls_d_res_low                             17.18 
_refine.pdbx_ls_sigma_F                          0.0 
_refine.pdbx_ls_sigma_I                          ? 
_refine.ls_number_reflns_all                     2320 
_refine.ls_number_reflns_obs                     2247 
_refine.ls_number_reflns_R_free                  210 
_refine.ls_percent_reflns_obs                    96.9 
_refine.ls_R_factor_all                          ? 
_refine.ls_R_factor_obs                          0.1647 
_refine.ls_R_factor_R_work                       0.1613 
_refine.ls_R_factor_R_free                       0.1953 
_refine.ls_redundancy_reflns_obs                 ? 
_refine.pdbx_data_cutoff_high_absF               ? 
_refine.pdbx_data_cutoff_low_absF                ? 
_refine.ls_number_parameters                     ? 
_refine.ls_number_restraints                     ? 
_refine.ls_percent_reflns_R_free                 ? 
_refine.ls_R_factor_R_free_error                 ? 
_refine.ls_R_factor_R_free_error_details         ? 
_refine.pdbx_method_to_determine_struct          'SAD PHASING' 
_refine.pdbx_starting_model                      ? 
_refine.pdbx_ls_cross_valid_method               THROUGHOUT 
_refine.pdbx_R_Free_selection_details            random 
_refine.pdbx_stereochem_target_val_spec_case     ? 
_refine.pdbx_stereochemistry_target_values       'Engh & Huber' 
_refine.solvent_model_details                    ? 
_refine.solvent_model_param_bsol                 ? 
_refine.solvent_model_param_ksol                 ? 
_refine.occupancy_max                            ? 
_refine.occupancy_min                            ? 
_refine.pdbx_isotropic_thermal_model             isotropic 
_refine.B_iso_mean                               14.77 
_refine.aniso_B[1][1]                            ? 
_refine.aniso_B[1][2]                            ? 
_refine.aniso_B[1][3]                            ? 
_refine.aniso_B[2][2]                            ? 
_refine.aniso_B[2][3]                            ? 
_refine.aniso_B[3][3]                            ? 
_refine.details                                  ? 
_refine.B_iso_min                                ? 
_refine.B_iso_max                                ? 
_refine.correlation_coeff_Fo_to_Fc               ? 
_refine.correlation_coeff_Fo_to_Fc_free          ? 
_refine.pdbx_solvent_vdw_probe_radii             ? 
_refine.pdbx_solvent_ion_probe_radii             ? 
_refine.pdbx_solvent_shrinkage_radii             ? 
_refine.overall_SU_R_Cruickshank_DPI             ? 
_refine.overall_SU_R_free                        ? 
_refine.overall_SU_B                             ? 
_refine.overall_SU_ML                            ? 
_refine.pdbx_overall_ESU_R                       ? 
_refine.pdbx_overall_ESU_R_Free                  ? 
_refine.pdbx_data_cutoff_high_rms_absF           ? 
_refine.ls_wR_factor_R_free                      ? 
_refine.ls_wR_factor_R_work                      ? 
_refine.overall_FOM_free_R_set                   ? 
_refine.overall_FOM_work_R_set                   ? 
_refine.pdbx_refine_id                           'X-RAY DIFFRACTION' 
_refine.pdbx_diffrn_id                           1 
_refine.pdbx_TLS_residual_ADP_flag               ? 
_refine.pdbx_overall_phase_error                 ? 
_refine.pdbx_overall_SU_R_free_Cruickshank_DPI   ? 
_refine.pdbx_overall_SU_R_Blow_DPI               ? 
_refine.pdbx_overall_SU_R_free_Blow_DPI          ? 
# 
_refine_analyze.entry_id                        1TJB 
_refine_analyze.Luzzati_coordinate_error_obs    0.17 
_refine_analyze.Luzzati_sigma_a_obs             -0.02 
_refine_analyze.Luzzati_d_res_low_obs           5.0 
_refine_analyze.Luzzati_coordinate_error_free   0.21 
_refine_analyze.Luzzati_sigma_a_free            0.10 
_refine_analyze.Luzzati_d_res_low_free          ? 
_refine_analyze.number_disordered_residues      ? 
_refine_analyze.occupancy_sum_non_hydrogen      ? 
_refine_analyze.occupancy_sum_hydrogen          ? 
_refine_analyze.pdbx_Luzzati_d_res_high_obs     ? 
_refine_analyze.pdbx_refine_id                  'X-RAY DIFFRACTION' 
# 
_refine_hist.pdbx_refine_id                   'X-RAY DIFFRACTION' 
_refine_hist.cycle_id                         LAST 
_refine_hist.pdbx_number_atoms_protein        282 
_refine_hist.pdbx_number_atoms_nucleic_acid   0 
_refine_hist.pdbx_number_atoms_ligand         5 
_refine_hist.number_atoms_solvent             45 
_refine_hist.number_atoms_total               332 
_refine_hist.d_res_high                       2.0 
_refine_hist.d_res_low                        17.18 
# 
loop_
_refine_ls_restr.type 
_refine_ls_restr.dev_ideal 
_refine_ls_restr.dev_ideal_target 
_refine_ls_restr.weight 
_refine_ls_restr.number 
_refine_ls_restr.pdbx_refine_id 
_refine_ls_restr.pdbx_restraint_function 
c_bond_d           0.004 ?   ? ? 'X-RAY DIFFRACTION' ? 
c_angle_deg        1.2   ?   ? ? 'X-RAY DIFFRACTION' ? 
c_dihedral_angle_d 26.2  ?   ? ? 'X-RAY DIFFRACTION' ? 
c_improper_angle_d 0.5   ?   ? ? 'X-RAY DIFFRACTION' ? 
c_mcbond_it        0.949 1.5 ? ? 'X-RAY DIFFRACTION' ? 
c_scbond_it        1.623 2   ? ? 'X-RAY DIFFRACTION' ? 
c_mcangle_it       1.389 2   ? ? 'X-RAY DIFFRACTION' ? 
c_scangle_it       2.148 2.5 ? ? 'X-RAY DIFFRACTION' ? 
# 
loop_
_refine_ls_shell.pdbx_total_number_of_bins_used 
_refine_ls_shell.d_res_high 
_refine_ls_shell.d_res_low 
_refine_ls_shell.number_reflns_R_work 
_refine_ls_shell.R_factor_R_work 
_refine_ls_shell.percent_reflns_obs 
_refine_ls_shell.R_factor_R_free 
_refine_ls_shell.R_factor_R_free_error 
_refine_ls_shell.percent_reflns_R_free 
_refine_ls_shell.number_reflns_R_free 
_refine_ls_shell.number_reflns_obs 
_refine_ls_shell.redundancy_reflns_obs 
_refine_ls_shell.number_reflns_all 
_refine_ls_shell.pdbx_refine_id 
_refine_ls_shell.R_factor_all 
. 2.01 2.10  . 0.169 97.0 0.209 0.044 . 23 260 . . 'X-RAY DIFFRACTION' . 
. 2.10 2.21  . 0.147 93.6 0.226 0.043 . 27 277 . . 'X-RAY DIFFRACTION' . 
. 2.21 2.35  . 0.151 93.5 0.161 0.030 . 29 272 . . 'X-RAY DIFFRACTION' . 
. 2.35 2.53  . 0.15  98.2 0.161 0.032 . 25 280 . . 'X-RAY DIFFRACTION' . 
. 2.53 2.78  . 0.191 96.9 0.254 0.046 . 31 283 . . 'X-RAY DIFFRACTION' . 
. 2.78 3.19  . 0.212 98.6 0.266 0.049 . 30 281 . . 'X-RAY DIFFRACTION' . 
. 3.19 4.01  . 0.142 98.3 0.125 0.028 . 20 290 . . 'X-RAY DIFFRACTION' . 
. 4.01 17.18 . 0.146 98.1 0.171 0.034 . 25 304 . . 'X-RAY DIFFRACTION' . 
# 
loop_
_pdbx_xplor_file.serial_no 
_pdbx_xplor_file.param_file 
_pdbx_xplor_file.topol_file 
_pdbx_xplor_file.pdbx_refine_id 
1 protein_rep.param protein_rep.top 'X-RAY DIFFRACTION' 
2 tb.param          tb.top          'X-RAY DIFFRACTION' 
3 capping.param     capping.top     'X-RAY DIFFRACTION' 
4 water_rep.param   water_rep.top   'X-RAY DIFFRACTION' 
5 ion.param         ion.top         'X-RAY DIFFRACTION' 
# 
_struct.entry_id                  1TJB 
_struct.title                     'Crystal Structure of a High Affinity Lanthanide-Binding Peptide (LBT)' 
_struct.pdbx_model_details        ? 
_struct.pdbx_CASP_flag            ? 
_struct.pdbx_model_type_details   ? 
# 
_struct_keywords.entry_id        1TJB 
_struct_keywords.pdbx_keywords   'DE NOVO PROTEIN' 
_struct_keywords.text            
'Lanthanide-Based Resonance Energy Transfer, Fluorescence, EF-Hand, Troponin Based Design, Lanthanide Binding Tag, DE NOVO PROTEIN' 
# 
loop_
_struct_asym.id 
_struct_asym.pdbx_blank_PDB_chainid_flag 
_struct_asym.pdbx_modified 
_struct_asym.entity_id 
_struct_asym.details 
A N N 1 ? 
B N N 1 ? 
C N N 2 ? 
D N N 3 ? 
E N N 3 ? 
F N N 3 ? 
G N N 2 ? 
H N N 4 ? 
I N N 4 ? 
# 
_struct_ref.id                         1 
_struct_ref.entity_id                  1 
_struct_ref.db_name                    PDB 
_struct_ref.db_code                    1TJB 
_struct_ref.pdbx_db_accession          1TJB 
_struct_ref.pdbx_db_isoform            ? 
_struct_ref.pdbx_seq_one_letter_code   ? 
_struct_ref.pdbx_align_begin           ? 
# 
loop_
_struct_ref_seq.align_id 
_struct_ref_seq.ref_id 
_struct_ref_seq.pdbx_PDB_id_code 
_struct_ref_seq.pdbx_strand_id 
_struct_ref_seq.seq_align_beg 
_struct_ref_seq.pdbx_seq_align_beg_ins_code 
_struct_ref_seq.seq_align_end 
_struct_ref_seq.pdbx_seq_align_end_ins_code 
_struct_ref_seq.pdbx_db_accession 
_struct_ref_seq.db_align_beg 
_struct_ref_seq.pdbx_db_align_beg_ins_code 
_struct_ref_seq.db_align_end 
_struct_ref_seq.pdbx_db_align_end_ins_code 
_struct_ref_seq.pdbx_auth_seq_align_beg 
_struct_ref_seq.pdbx_auth_seq_align_end 
1 1 1TJB A 1 ? 18 ? 1TJB 99 ? 116 ? 99 116 
2 1 1TJB B 1 ? 18 ? 1TJB 99 ? 116 ? 99 116 
# 
loop_
_pdbx_struct_assembly.id 
_pdbx_struct_assembly.details 
_pdbx_struct_assembly.method_details 
_pdbx_struct_assembly.oligomeric_details 
_pdbx_struct_assembly.oligomeric_count 
1 author_defined_assembly ? monomeric 1 
2 author_defined_assembly ? monomeric 1 
# 
loop_
_pdbx_struct_assembly_gen.assembly_id 
_pdbx_struct_assembly_gen.oper_expression 
_pdbx_struct_assembly_gen.asym_id_list 
1 1 A,C,D,E,F,H 
2 1 B,G,I       
# 
_pdbx_struct_oper_list.id                   1 
_pdbx_struct_oper_list.type                 'identity operation' 
_pdbx_struct_oper_list.name                 1_555 
_pdbx_struct_oper_list.symmetry_operation   x,y,z 
_pdbx_struct_oper_list.matrix[1][1]         1.0000000000 
_pdbx_struct_oper_list.matrix[1][2]         0.0000000000 
_pdbx_struct_oper_list.matrix[1][3]         0.0000000000 
_pdbx_struct_oper_list.vector[1]            0.0000000000 
_pdbx_struct_oper_list.matrix[2][1]         0.0000000000 
_pdbx_struct_oper_list.matrix[2][2]         1.0000000000 
_pdbx_struct_oper_list.matrix[2][3]         0.0000000000 
_pdbx_struct_oper_list.vector[2]            0.0000000000 
_pdbx_struct_oper_list.matrix[3][1]         0.0000000000 
_pdbx_struct_oper_list.matrix[3][2]         0.0000000000 
_pdbx_struct_oper_list.matrix[3][3]         1.0000000000 
_pdbx_struct_oper_list.vector[3]            0.0000000000 
# 
loop_
_struct_biol.id 
_struct_biol.details 
_struct_biol.pdbx_parent_biol_id 
1 'The solution assembly is a monomer' ? 
2 ?                                    ? 
# 
loop_
_struct_conf.conf_type_id 
_struct_conf.id 
_struct_conf.pdbx_PDB_helix_id 
_struct_conf.beg_label_comp_id 
_struct_conf.beg_label_asym_id 
_struct_conf.beg_label_seq_id 
_struct_conf.pdbx_beg_PDB_ins_code 
_struct_conf.end_label_comp_id 
_struct_conf.end_label_asym_id 
_struct_conf.end_label_seq_id 
_struct_conf.pdbx_end_PDB_ins_code 
_struct_conf.beg_auth_comp_id 
_struct_conf.beg_auth_asym_id 
_struct_conf.beg_auth_seq_id 
_struct_conf.end_auth_comp_id 
_struct_conf.end_auth_asym_id 
_struct_conf.end_auth_seq_id 
_struct_conf.pdbx_PDB_helix_class 
_struct_conf.details 
_struct_conf.pdbx_PDB_helix_length 
HELX_P HELX_P1 1 GLU A 11 ? LEU A 15 ? GLU A 109 LEU A 113 5 ? 5 
HELX_P HELX_P2 2 GLU B 11 ? LEU B 16 ? GLU B 109 LEU B 114 5 ? 6 
# 
_struct_conf_type.id          HELX_P 
_struct_conf_type.criteria    ? 
_struct_conf_type.reference   ? 
# 
loop_
_struct_conn.id 
_struct_conn.conn_type_id 
_struct_conn.pdbx_leaving_atom_flag 
_struct_conn.pdbx_PDB_id 
_struct_conn.ptnr1_label_asym_id 
_struct_conn.ptnr1_label_comp_id 
_struct_conn.ptnr1_label_seq_id 
_struct_conn.ptnr1_label_atom_id 
_struct_conn.pdbx_ptnr1_label_alt_id 
_struct_conn.pdbx_ptnr1_PDB_ins_code 
_struct_conn.pdbx_ptnr1_standard_comp_id 
_struct_conn.ptnr1_symmetry 
_struct_conn.ptnr2_label_asym_id 
_struct_conn.ptnr2_label_comp_id 
_struct_conn.ptnr2_label_seq_id 
_struct_conn.ptnr2_label_atom_id 
_struct_conn.pdbx_ptnr2_label_alt_id 
_struct_conn.pdbx_ptnr2_PDB_ins_code 
_struct_conn.ptnr1_auth_asym_id 
_struct_conn.ptnr1_auth_comp_id 
_struct_conn.ptnr1_auth_seq_id 
_struct_conn.ptnr2_auth_asym_id 
_struct_conn.ptnr2_auth_comp_id 
_struct_conn.ptnr2_auth_seq_id 
_struct_conn.ptnr2_symmetry 
_struct_conn.pdbx_ptnr3_label_atom_id 
_struct_conn.pdbx_ptnr3_label_seq_id 
_struct_conn.pdbx_ptnr3_label_comp_id 
_struct_conn.pdbx_ptnr3_label_asym_id 
_struct_conn.pdbx_ptnr3_label_alt_id 
_struct_conn.pdbx_ptnr3_PDB_ins_code 
_struct_conn.details 
_struct_conn.pdbx_dist_value 
_struct_conn.pdbx_value_order 
_struct_conn.pdbx_role 
covale1 covale both ? A ALA 17 C ? ? ? 1_555 A NH2 18 N ? ? A ALA 115 A NH2 116 1_555 ? ? ? ? ? ? ? 1.325 ? ? 
covale2 covale both ? B ALA 17 C ? ? ? 1_555 B NH2 18 N ? ? B ALA 115 B NH2 116 1_555 ? ? ? ? ? ? ? 1.329 ? ? 
# 
_struct_conn_type.id          covale 
_struct_conn_type.criteria    ? 
_struct_conn_type.reference   ? 
# 
loop_
_pdbx_modification_feature.ordinal 
_pdbx_modification_feature.label_comp_id 
_pdbx_modification_feature.label_asym_id 
_pdbx_modification_feature.label_seq_id 
_pdbx_modification_feature.label_alt_id 
_pdbx_modification_feature.modified_residue_label_comp_id 
_pdbx_modification_feature.modified_residue_label_asym_id 
_pdbx_modification_feature.modified_residue_label_seq_id 
_pdbx_modification_feature.modified_residue_label_alt_id 
_pdbx_modification_feature.auth_comp_id 
_pdbx_modification_feature.auth_asym_id 
_pdbx_modification_feature.auth_seq_id 
_pdbx_modification_feature.PDB_ins_code 
_pdbx_modification_feature.symmetry 
_pdbx_modification_feature.modified_residue_auth_comp_id 
_pdbx_modification_feature.modified_residue_auth_asym_id 
_pdbx_modification_feature.modified_residue_auth_seq_id 
_pdbx_modification_feature.modified_residue_PDB_ins_code 
_pdbx_modification_feature.modified_residue_symmetry 
_pdbx_modification_feature.comp_id_linking_atom 
_pdbx_modification_feature.modified_residue_id_linking_atom 
_pdbx_modification_feature.modified_residue_id 
_pdbx_modification_feature.ref_pcm_id 
_pdbx_modification_feature.ref_comp_id 
_pdbx_modification_feature.type 
_pdbx_modification_feature.category 
1 NH2 A 18 ? ALA A 17 ? NH2 A 116 ? 1_555 ALA A 115 ? 1_555 . . ALA 1 NH2 None 'Terminal amidation' 
2 NH2 B 18 ? ALA B 17 ? NH2 B 116 ? 1_555 ALA B 115 ? 1_555 . . ALA 1 NH2 None 'Terminal amidation' 
# 
loop_
_struct_site.id 
_struct_site.pdbx_evidence_code 
_struct_site.pdbx_auth_asym_id 
_struct_site.pdbx_auth_comp_id 
_struct_site.pdbx_auth_seq_id 
_struct_site.pdbx_auth_ins_code 
_struct_site.pdbx_num_residues 
_struct_site.details 
AC1 Software A TB 201 ? 6 'BINDING SITE FOR RESIDUE TB A 201' 
AC2 Software B TB 202 ? 6 'BINDING SITE FOR RESIDUE TB B 202' 
AC3 Software A CL 203 ? 4 'BINDING SITE FOR RESIDUE CL A 203' 
AC4 Software A CL 204 ? 6 'BINDING SITE FOR RESIDUE CL A 204' 
AC5 Software A CL 205 ? 4 'BINDING SITE FOR RESIDUE CL A 205' 
# 
loop_
_struct_site_gen.id 
_struct_site_gen.site_id 
_struct_site_gen.pdbx_num_res 
_struct_site_gen.label_comp_id 
_struct_site_gen.label_asym_id 
_struct_site_gen.label_seq_id 
_struct_site_gen.pdbx_auth_ins_code 
_struct_site_gen.auth_comp_id 
_struct_site_gen.auth_asym_id 
_struct_site_gen.auth_seq_id 
_struct_site_gen.label_atom_id 
_struct_site_gen.label_alt_id 
_struct_site_gen.symmetry 
_struct_site_gen.details 
1  AC1 6 ASP A 3  ? ASP A 101 . ? 1_555 ? 
2  AC1 6 ASN A 5  ? ASN A 103 . ? 1_555 ? 
3  AC1 6 ASP A 7  ? ASP A 105 . ? 1_555 ? 
4  AC1 6 TRP A 9  ? TRP A 107 . ? 1_555 ? 
5  AC1 6 GLU A 11 ? GLU A 109 . ? 1_555 ? 
6  AC1 6 GLU A 14 ? GLU A 112 . ? 1_555 ? 
7  AC2 6 ASP B 3  ? ASP B 101 . ? 1_555 ? 
8  AC2 6 ASN B 5  ? ASN B 103 . ? 1_555 ? 
9  AC2 6 ASP B 7  ? ASP B 105 . ? 1_555 ? 
10 AC2 6 TRP B 9  ? TRP B 107 . ? 1_555 ? 
11 AC2 6 GLU B 11 ? GLU B 109 . ? 1_555 ? 
12 AC2 6 GLU B 14 ? GLU B 112 . ? 1_555 ? 
13 AC3 4 TYR A 10 ? TYR A 108 . ? 1_565 ? 
14 AC3 4 GLY A 12 ? GLY A 110 . ? 4_555 ? 
15 AC3 4 ALA A 17 ? ALA A 115 . ? 1_555 ? 
16 AC3 4 HOH I .  ? HOH B 40  . ? 3_555 ? 
17 AC4 6 HOH H .  ? HOH A 9   . ? 1_555 ? 
18 AC4 6 ILE A 2  ? ILE A 100 . ? 1_555 ? 
19 AC4 6 ASP A 3  ? ASP A 101 . ? 1_555 ? 
20 AC4 6 HOH I .  ? HOH B 1   . ? 3_545 ? 
21 AC4 6 ILE B 2  ? ILE B 100 . ? 3_545 ? 
22 AC4 6 ASP B 3  ? ASP B 101 . ? 3_545 ? 
23 AC5 4 TYR A 1  ? TYR A 99  . ? 1_555 ? 
24 AC5 4 TYR B 10 ? TYR B 108 . ? 3_545 ? 
25 AC5 4 GLY B 12 ? GLY B 110 . ? 2_554 ? 
26 AC5 4 ALA B 17 ? ALA B 115 . ? 3_555 ? 
# 
_pdbx_entry_details.entry_id                   1TJB 
_pdbx_entry_details.compound_details           ? 
_pdbx_entry_details.source_details             ? 
_pdbx_entry_details.nonpolymer_details         ? 
_pdbx_entry_details.sequence_details           ? 
_pdbx_entry_details.has_ligand_of_interest     ? 
_pdbx_entry_details.has_protein_modification   Y 
# 
loop_
_chem_comp_atom.comp_id 
_chem_comp_atom.atom_id 
_chem_comp_atom.type_symbol 
_chem_comp_atom.pdbx_aromatic_flag 
_chem_comp_atom.pdbx_stereo_config 
_chem_comp_atom.pdbx_ordinal 
ALA N    N  N N 1   
ALA CA   C  N S 2   
ALA C    C  N N 3   
ALA O    O  N N 4   
ALA CB   C  N N 5   
ALA OXT  O  N N 6   
ALA H    H  N N 7   
ALA H2   H  N N 8   
ALA HA   H  N N 9   
ALA HB1  H  N N 10  
ALA HB2  H  N N 11  
ALA HB3  H  N N 12  
ALA HXT  H  N N 13  
ASN N    N  N N 14  
ASN CA   C  N S 15  
ASN C    C  N N 16  
ASN O    O  N N 17  
ASN CB   C  N N 18  
ASN CG   C  N N 19  
ASN OD1  O  N N 20  
ASN ND2  N  N N 21  
ASN OXT  O  N N 22  
ASN H    H  N N 23  
ASN H2   H  N N 24  
ASN HA   H  N N 25  
ASN HB2  H  N N 26  
ASN HB3  H  N N 27  
ASN HD21 H  N N 28  
ASN HD22 H  N N 29  
ASN HXT  H  N N 30  
ASP N    N  N N 31  
ASP CA   C  N S 32  
ASP C    C  N N 33  
ASP O    O  N N 34  
ASP CB   C  N N 35  
ASP CG   C  N N 36  
ASP OD1  O  N N 37  
ASP OD2  O  N N 38  
ASP OXT  O  N N 39  
ASP H    H  N N 40  
ASP H2   H  N N 41  
ASP HA   H  N N 42  
ASP HB2  H  N N 43  
ASP HB3  H  N N 44  
ASP HD2  H  N N 45  
ASP HXT  H  N N 46  
CL  CL   CL N N 47  
GLU N    N  N N 48  
GLU CA   C  N S 49  
GLU C    C  N N 50  
GLU O    O  N N 51  
GLU CB   C  N N 52  
GLU CG   C  N N 53  
GLU CD   C  N N 54  
GLU OE1  O  N N 55  
GLU OE2  O  N N 56  
GLU OXT  O  N N 57  
GLU H    H  N N 58  
GLU H2   H  N N 59  
GLU HA   H  N N 60  
GLU HB2  H  N N 61  
GLU HB3  H  N N 62  
GLU HG2  H  N N 63  
GLU HG3  H  N N 64  
GLU HE2  H  N N 65  
GLU HXT  H  N N 66  
GLY N    N  N N 67  
GLY CA   C  N N 68  
GLY C    C  N N 69  
GLY O    O  N N 70  
GLY OXT  O  N N 71  
GLY H    H  N N 72  
GLY H2   H  N N 73  
GLY HA2  H  N N 74  
GLY HA3  H  N N 75  
GLY HXT  H  N N 76  
HOH O    O  N N 77  
HOH H1   H  N N 78  
HOH H2   H  N N 79  
ILE N    N  N N 80  
ILE CA   C  N S 81  
ILE C    C  N N 82  
ILE O    O  N N 83  
ILE CB   C  N S 84  
ILE CG1  C  N N 85  
ILE CG2  C  N N 86  
ILE CD1  C  N N 87  
ILE OXT  O  N N 88  
ILE H    H  N N 89  
ILE H2   H  N N 90  
ILE HA   H  N N 91  
ILE HB   H  N N 92  
ILE HG12 H  N N 93  
ILE HG13 H  N N 94  
ILE HG21 H  N N 95  
ILE HG22 H  N N 96  
ILE HG23 H  N N 97  
ILE HD11 H  N N 98  
ILE HD12 H  N N 99  
ILE HD13 H  N N 100 
ILE HXT  H  N N 101 
LEU N    N  N N 102 
LEU CA   C  N S 103 
LEU C    C  N N 104 
LEU O    O  N N 105 
LEU CB   C  N N 106 
LEU CG   C  N N 107 
LEU CD1  C  N N 108 
LEU CD2  C  N N 109 
LEU OXT  O  N N 110 
LEU H    H  N N 111 
LEU H2   H  N N 112 
LEU HA   H  N N 113 
LEU HB2  H  N N 114 
LEU HB3  H  N N 115 
LEU HG   H  N N 116 
LEU HD11 H  N N 117 
LEU HD12 H  N N 118 
LEU HD13 H  N N 119 
LEU HD21 H  N N 120 
LEU HD22 H  N N 121 
LEU HD23 H  N N 122 
LEU HXT  H  N N 123 
NH2 N    N  N N 124 
NH2 HN1  H  N N 125 
NH2 HN2  H  N N 126 
TB  TB   TB N N 127 
THR N    N  N N 128 
THR CA   C  N S 129 
THR C    C  N N 130 
THR O    O  N N 131 
THR CB   C  N R 132 
THR OG1  O  N N 133 
THR CG2  C  N N 134 
THR OXT  O  N N 135 
THR H    H  N N 136 
THR H2   H  N N 137 
THR HA   H  N N 138 
THR HB   H  N N 139 
THR HG1  H  N N 140 
THR HG21 H  N N 141 
THR HG22 H  N N 142 
THR HG23 H  N N 143 
THR HXT  H  N N 144 
TRP N    N  N N 145 
TRP CA   C  N S 146 
TRP C    C  N N 147 
TRP O    O  N N 148 
TRP CB   C  N N 149 
TRP CG   C  Y N 150 
TRP CD1  C  Y N 151 
TRP CD2  C  Y N 152 
TRP NE1  N  Y N 153 
TRP CE2  C  Y N 154 
TRP CE3  C  Y N 155 
TRP CZ2  C  Y N 156 
TRP CZ3  C  Y N 157 
TRP CH2  C  Y N 158 
TRP OXT  O  N N 159 
TRP H    H  N N 160 
TRP H2   H  N N 161 
TRP HA   H  N N 162 
TRP HB2  H  N N 163 
TRP HB3  H  N N 164 
TRP HD1  H  N N 165 
TRP HE1  H  N N 166 
TRP HE3  H  N N 167 
TRP HZ2  H  N N 168 
TRP HZ3  H  N N 169 
TRP HH2  H  N N 170 
TRP HXT  H  N N 171 
TYR N    N  N N 172 
TYR CA   C  N S 173 
TYR C    C  N N 174 
TYR O    O  N N 175 
TYR CB   C  N N 176 
TYR CG   C  Y N 177 
TYR CD1  C  Y N 178 
TYR CD2  C  Y N 179 
TYR CE1  C  Y N 180 
TYR CE2  C  Y N 181 
TYR CZ   C  Y N 182 
TYR OH   O  N N 183 
TYR OXT  O  N N 184 
TYR H    H  N N 185 
TYR H2   H  N N 186 
TYR HA   H  N N 187 
TYR HB2  H  N N 188 
TYR HB3  H  N N 189 
TYR HD1  H  N N 190 
TYR HD2  H  N N 191 
TYR HE1  H  N N 192 
TYR HE2  H  N N 193 
TYR HH   H  N N 194 
TYR HXT  H  N N 195 
# 
loop_
_chem_comp_bond.comp_id 
_chem_comp_bond.atom_id_1 
_chem_comp_bond.atom_id_2 
_chem_comp_bond.value_order 
_chem_comp_bond.pdbx_aromatic_flag 
_chem_comp_bond.pdbx_stereo_config 
_chem_comp_bond.pdbx_ordinal 
ALA N   CA   sing N N 1   
ALA N   H    sing N N 2   
ALA N   H2   sing N N 3   
ALA CA  C    sing N N 4   
ALA CA  CB   sing N N 5   
ALA CA  HA   sing N N 6   
ALA C   O    doub N N 7   
ALA C   OXT  sing N N 8   
ALA CB  HB1  sing N N 9   
ALA CB  HB2  sing N N 10  
ALA CB  HB3  sing N N 11  
ALA OXT HXT  sing N N 12  
ASN N   CA   sing N N 13  
ASN N   H    sing N N 14  
ASN N   H2   sing N N 15  
ASN CA  C    sing N N 16  
ASN CA  CB   sing N N 17  
ASN CA  HA   sing N N 18  
ASN C   O    doub N N 19  
ASN C   OXT  sing N N 20  
ASN CB  CG   sing N N 21  
ASN CB  HB2  sing N N 22  
ASN CB  HB3  sing N N 23  
ASN CG  OD1  doub N N 24  
ASN CG  ND2  sing N N 25  
ASN ND2 HD21 sing N N 26  
ASN ND2 HD22 sing N N 27  
ASN OXT HXT  sing N N 28  
ASP N   CA   sing N N 29  
ASP N   H    sing N N 30  
ASP N   H2   sing N N 31  
ASP CA  C    sing N N 32  
ASP CA  CB   sing N N 33  
ASP CA  HA   sing N N 34  
ASP C   O    doub N N 35  
ASP C   OXT  sing N N 36  
ASP CB  CG   sing N N 37  
ASP CB  HB2  sing N N 38  
ASP CB  HB3  sing N N 39  
ASP CG  OD1  doub N N 40  
ASP CG  OD2  sing N N 41  
ASP OD2 HD2  sing N N 42  
ASP OXT HXT  sing N N 43  
GLU N   CA   sing N N 44  
GLU N   H    sing N N 45  
GLU N   H2   sing N N 46  
GLU CA  C    sing N N 47  
GLU CA  CB   sing N N 48  
GLU CA  HA   sing N N 49  
GLU C   O    doub N N 50  
GLU C   OXT  sing N N 51  
GLU CB  CG   sing N N 52  
GLU CB  HB2  sing N N 53  
GLU CB  HB3  sing N N 54  
GLU CG  CD   sing N N 55  
GLU CG  HG2  sing N N 56  
GLU CG  HG3  sing N N 57  
GLU CD  OE1  doub N N 58  
GLU CD  OE2  sing N N 59  
GLU OE2 HE2  sing N N 60  
GLU OXT HXT  sing N N 61  
GLY N   CA   sing N N 62  
GLY N   H    sing N N 63  
GLY N   H2   sing N N 64  
GLY CA  C    sing N N 65  
GLY CA  HA2  sing N N 66  
GLY CA  HA3  sing N N 67  
GLY C   O    doub N N 68  
GLY C   OXT  sing N N 69  
GLY OXT HXT  sing N N 70  
HOH O   H1   sing N N 71  
HOH O   H2   sing N N 72  
ILE N   CA   sing N N 73  
ILE N   H    sing N N 74  
ILE N   H2   sing N N 75  
ILE CA  C    sing N N 76  
ILE CA  CB   sing N N 77  
ILE CA  HA   sing N N 78  
ILE C   O    doub N N 79  
ILE C   OXT  sing N N 80  
ILE CB  CG1  sing N N 81  
ILE CB  CG2  sing N N 82  
ILE CB  HB   sing N N 83  
ILE CG1 CD1  sing N N 84  
ILE CG1 HG12 sing N N 85  
ILE CG1 HG13 sing N N 86  
ILE CG2 HG21 sing N N 87  
ILE CG2 HG22 sing N N 88  
ILE CG2 HG23 sing N N 89  
ILE CD1 HD11 sing N N 90  
ILE CD1 HD12 sing N N 91  
ILE CD1 HD13 sing N N 92  
ILE OXT HXT  sing N N 93  
LEU N   CA   sing N N 94  
LEU N   H    sing N N 95  
LEU N   H2   sing N N 96  
LEU CA  C    sing N N 97  
LEU CA  CB   sing N N 98  
LEU CA  HA   sing N N 99  
LEU C   O    doub N N 100 
LEU C   OXT  sing N N 101 
LEU CB  CG   sing N N 102 
LEU CB  HB2  sing N N 103 
LEU CB  HB3  sing N N 104 
LEU CG  CD1  sing N N 105 
LEU CG  CD2  sing N N 106 
LEU CG  HG   sing N N 107 
LEU CD1 HD11 sing N N 108 
LEU CD1 HD12 sing N N 109 
LEU CD1 HD13 sing N N 110 
LEU CD2 HD21 sing N N 111 
LEU CD2 HD22 sing N N 112 
LEU CD2 HD23 sing N N 113 
LEU OXT HXT  sing N N 114 
NH2 N   HN1  sing N N 115 
NH2 N   HN2  sing N N 116 
THR N   CA   sing N N 117 
THR N   H    sing N N 118 
THR N   H2   sing N N 119 
THR CA  C    sing N N 120 
THR CA  CB   sing N N 121 
THR CA  HA   sing N N 122 
THR C   O    doub N N 123 
THR C   OXT  sing N N 124 
THR CB  OG1  sing N N 125 
THR CB  CG2  sing N N 126 
THR CB  HB   sing N N 127 
THR OG1 HG1  sing N N 128 
THR CG2 HG21 sing N N 129 
THR CG2 HG22 sing N N 130 
THR CG2 HG23 sing N N 131 
THR OXT HXT  sing N N 132 
TRP N   CA   sing N N 133 
TRP N   H    sing N N 134 
TRP N   H2   sing N N 135 
TRP CA  C    sing N N 136 
TRP CA  CB   sing N N 137 
TRP CA  HA   sing N N 138 
TRP C   O    doub N N 139 
TRP C   OXT  sing N N 140 
TRP CB  CG   sing N N 141 
TRP CB  HB2  sing N N 142 
TRP CB  HB3  sing N N 143 
TRP CG  CD1  doub Y N 144 
TRP CG  CD2  sing Y N 145 
TRP CD1 NE1  sing Y N 146 
TRP CD1 HD1  sing N N 147 
TRP CD2 CE2  doub Y N 148 
TRP CD2 CE3  sing Y N 149 
TRP NE1 CE2  sing Y N 150 
TRP NE1 HE1  sing N N 151 
TRP CE2 CZ2  sing Y N 152 
TRP CE3 CZ3  doub Y N 153 
TRP CE3 HE3  sing N N 154 
TRP CZ2 CH2  doub Y N 155 
TRP CZ2 HZ2  sing N N 156 
TRP CZ3 CH2  sing Y N 157 
TRP CZ3 HZ3  sing N N 158 
TRP CH2 HH2  sing N N 159 
TRP OXT HXT  sing N N 160 
TYR N   CA   sing N N 161 
TYR N   H    sing N N 162 
TYR N   H2   sing N N 163 
TYR CA  C    sing N N 164 
TYR CA  CB   sing N N 165 
TYR CA  HA   sing N N 166 
TYR C   O    doub N N 167 
TYR C   OXT  sing N N 168 
TYR CB  CG   sing N N 169 
TYR CB  HB2  sing N N 170 
TYR CB  HB3  sing N N 171 
TYR CG  CD1  doub Y N 172 
TYR CG  CD2  sing Y N 173 
TYR CD1 CE1  sing Y N 174 
TYR CD1 HD1  sing N N 175 
TYR CD2 CE2  doub Y N 176 
TYR CD2 HD2  sing N N 177 
TYR CE1 CZ   doub Y N 178 
TYR CE1 HE1  sing N N 179 
TYR CE2 CZ   sing Y N 180 
TYR CE2 HE2  sing N N 181 
TYR CZ  OH   sing N N 182 
TYR OH  HH   sing N N 183 
TYR OXT HXT  sing N N 184 
# 
_atom_sites.entry_id                    1TJB 
_atom_sites.fract_transf_matrix[1][1]   -0.01294110 
_atom_sites.fract_transf_matrix[1][2]   0.01087177 
_atom_sites.fract_transf_matrix[1][3]   -0.01021641 
_atom_sites.fract_transf_matrix[2][1]   0.01879915 
_atom_sites.fract_transf_matrix[2][2]   -0.01371157 
_atom_sites.fract_transf_matrix[2][3]   -0.03840396 
_atom_sites.fract_transf_matrix[3][1]   -0.02633393 
_atom_sites.fract_transf_matrix[3][2]   -0.02134088 
_atom_sites.fract_transf_matrix[3][3]   -0.00527130 
_atom_sites.fract_transf_vector[1]      0.091497 
_atom_sites.fract_transf_vector[2]      -0.409930 
_atom_sites.fract_transf_vector[3]      -0.214439 
# 
loop_
_atom_type.symbol 
C  
CL 
N  
O  
TB 
# 
loop_
_atom_site.group_PDB 
_atom_site.id 
_atom_site.type_symbol 
_atom_site.label_atom_id 
_atom_site.label_alt_id 
_atom_site.label_comp_id 
_atom_site.label_asym_id 
_atom_site.label_entity_id 
_atom_site.label_seq_id 
_atom_site.pdbx_PDB_ins_code 
_atom_site.Cartn_x 
_atom_site.Cartn_y 
_atom_site.Cartn_z 
_atom_site.occupancy 
_atom_site.B_iso_or_equiv 
_atom_site.pdbx_formal_charge 
_atom_site.auth_seq_id 
_atom_site.auth_comp_id 
_atom_site.auth_asym_id 
_atom_site.auth_atom_id 
_atom_site.pdbx_PDB_model_num 
ATOM   1   N  N   . TYR A 1 1  ? -3.794  5.806   -1.067  1.00 9.88  ? 99  TYR A N   1 
ATOM   2   C  CA  . TYR A 1 1  ? -4.577  5.964   -2.325  1.00 11.02 ? 99  TYR A CA  1 
ATOM   3   C  C   . TYR A 1 1  ? -5.320  7.298   -2.335  1.00 10.59 ? 99  TYR A C   1 
ATOM   4   O  O   . TYR A 1 1  ? -5.460  7.938   -1.302  1.00 10.57 ? 99  TYR A O   1 
ATOM   5   C  CB  . TYR A 1 1  ? -5.606  4.839   -2.464  1.00 11.10 ? 99  TYR A CB  1 
ATOM   6   C  CG  . TYR A 1 1  ? -5.041  3.436   -2.425  1.00 10.72 ? 99  TYR A CG  1 
ATOM   7   C  CD1 . TYR A 1 1  ? -4.954  2.731   -1.228  1.00 9.89  ? 99  TYR A CD1 1 
ATOM   8   C  CD2 . TYR A 1 1  ? -4.631  2.801   -3.591  1.00 10.03 ? 99  TYR A CD2 1 
ATOM   9   C  CE1 . TYR A 1 1  ? -4.477  1.425   -1.195  1.00 9.19  ? 99  TYR A CE1 1 
ATOM   10  C  CE2 . TYR A 1 1  ? -4.151  1.498   -3.571  1.00 12.19 ? 99  TYR A CE2 1 
ATOM   11  C  CZ  . TYR A 1 1  ? -4.080  0.815   -2.370  1.00 10.49 ? 99  TYR A CZ  1 
ATOM   12  O  OH  . TYR A 1 1  ? -3.639  -0.487  -2.354  1.00 11.72 ? 99  TYR A OH  1 
ATOM   13  N  N   . ILE A 1 2  ? -5.787  7.708   -3.510  1.00 10.56 ? 100 ILE A N   1 
ATOM   14  C  CA  . ILE A 1 2  ? -6.545  8.947   -3.654  1.00 10.79 ? 100 ILE A CA  1 
ATOM   15  C  C   . ILE A 1 2  ? -7.894  8.607   -4.287  1.00 11.73 ? 100 ILE A C   1 
ATOM   16  O  O   . ILE A 1 2  ? -7.950  8.083   -5.399  1.00 10.80 ? 100 ILE A O   1 
ATOM   17  C  CB  . ILE A 1 2  ? -5.826  9.959   -4.564  1.00 11.18 ? 100 ILE A CB  1 
ATOM   18  C  CG1 . ILE A 1 2  ? -4.485  10.350  -3.952  1.00 12.81 ? 100 ILE A CG1 1 
ATOM   19  C  CG2 . ILE A 1 2  ? -6.690  11.208  -4.743  1.00 11.03 ? 100 ILE A CG2 1 
ATOM   20  C  CD1 . ILE A 1 2  ? -3.634  11.188  -4.868  1.00 14.18 ? 100 ILE A CD1 1 
ATOM   21  N  N   . ASP A 1 3  ? -8.971  8.893   -3.565  1.00 10.92 ? 101 ASP A N   1 
ATOM   22  C  CA  . ASP A 1 3  ? -10.322 8.622   -4.045  1.00 11.70 ? 101 ASP A CA  1 
ATOM   23  C  C   . ASP A 1 3  ? -10.716 9.742   -5.001  1.00 11.04 ? 101 ASP A C   1 
ATOM   24  O  O   . ASP A 1 3  ? -11.506 10.616  -4.657  1.00 11.59 ? 101 ASP A O   1 
ATOM   25  C  CB  . ASP A 1 3  ? -11.291 8.579   -2.863  1.00 11.59 ? 101 ASP A CB  1 
ATOM   26  C  CG  . ASP A 1 3  ? -12.701 8.220   -3.278  1.00 13.61 ? 101 ASP A CG  1 
ATOM   27  O  OD1 . ASP A 1 3  ? -13.625 8.402   -2.456  1.00 12.78 ? 101 ASP A OD1 1 
ATOM   28  O  OD2 . ASP A 1 3  ? -12.884 7.751   -4.422  1.00 12.42 ? 101 ASP A OD2 1 
ATOM   29  N  N   . THR A 1 4  ? -10.154 9.699   -6.203  1.00 11.46 ? 102 THR A N   1 
ATOM   30  C  CA  . THR A 1 4  ? -10.400 10.713  -7.217  1.00 11.43 ? 102 THR A CA  1 
ATOM   31  C  C   . THR A 1 4  ? -11.846 10.876  -7.672  1.00 11.61 ? 102 THR A C   1 
ATOM   32  O  O   . THR A 1 4  ? -12.232 11.965  -8.088  1.00 11.66 ? 102 THR A O   1 
ATOM   33  C  CB  . THR A 1 4  ? -9.516  10.468  -8.453  1.00 12.11 ? 102 THR A CB  1 
ATOM   34  O  OG1 . THR A 1 4  ? -9.805  9.180   -9.003  1.00 16.92 ? 102 THR A OG1 1 
ATOM   35  C  CG2 . THR A 1 4  ? -8.053  10.522  -8.070  1.00 11.68 ? 102 THR A CG2 1 
ATOM   36  N  N   . ASN A 1 5  ? -12.649 9.815   -7.607  1.00 13.49 ? 103 ASN A N   1 
ATOM   37  C  CA  . ASN A 1 5  ? -14.047 9.925   -8.021  1.00 13.42 ? 103 ASN A CA  1 
ATOM   38  C  C   . ASN A 1 5  ? -14.944 10.166  -6.809  1.00 12.81 ? 103 ASN A C   1 
ATOM   39  O  O   . ASN A 1 5  ? -16.168 10.107  -6.895  1.00 13.16 ? 103 ASN A O   1 
ATOM   40  C  CB  . ASN A 1 5  ? -14.489 8.677   -8.805  1.00 12.58 ? 103 ASN A CB  1 
ATOM   41  C  CG  . ASN A 1 5  ? -14.814 7.497   -7.916  1.00 14.02 ? 103 ASN A CG  1 
ATOM   42  O  OD1 . ASN A 1 5  ? -14.232 7.326   -6.855  1.00 9.91  ? 103 ASN A OD1 1 
ATOM   43  N  ND2 . ASN A 1 5  ? -15.745 6.660   -8.366  1.00 16.47 ? 103 ASN A ND2 1 
ATOM   44  N  N   . ASN A 1 6  ? -14.302 10.429  -5.674  1.00 12.99 ? 104 ASN A N   1 
ATOM   45  C  CA  . ASN A 1 6  ? -14.978 10.734  -4.418  1.00 13.53 ? 104 ASN A CA  1 
ATOM   46  C  C   . ASN A 1 6  ? -16.202 9.888   -4.090  1.00 14.30 ? 104 ASN A C   1 
ATOM   47  O  O   . ASN A 1 6  ? -17.205 10.407  -3.592  1.00 14.10 ? 104 ASN A O   1 
ATOM   48  C  CB  . ASN A 1 6  ? -15.373 12.213  -4.417  1.00 13.06 ? 104 ASN A CB  1 
ATOM   49  C  CG  . ASN A 1 6  ? -14.189 13.124  -4.667  1.00 13.18 ? 104 ASN A CG  1 
ATOM   50  O  OD1 . ASN A 1 6  ? -13.285 13.220  -3.841  1.00 14.19 ? 104 ASN A OD1 1 
ATOM   51  N  ND2 . ASN A 1 6  ? -14.184 13.789  -5.815  1.00 10.01 ? 104 ASN A ND2 1 
ATOM   52  N  N   . ASP A 1 7  ? -16.123 8.589   -4.353  1.00 13.52 ? 105 ASP A N   1 
ATOM   53  C  CA  . ASP A 1 7  ? -17.248 7.711   -4.070  1.00 14.13 ? 105 ASP A CA  1 
ATOM   54  C  C   . ASP A 1 7  ? -17.100 7.054   -2.703  1.00 14.08 ? 105 ASP A C   1 
ATOM   55  O  O   . ASP A 1 7  ? -17.933 6.247   -2.302  1.00 15.93 ? 105 ASP A O   1 
ATOM   56  C  CB  . ASP A 1 7  ? -17.376 6.637   -5.156  1.00 14.12 ? 105 ASP A CB  1 
ATOM   57  C  CG  . ASP A 1 7  ? -16.147 5.759   -5.256  1.00 15.85 ? 105 ASP A CG  1 
ATOM   58  O  OD1 . ASP A 1 7  ? -16.107 4.907   -6.167  1.00 17.24 ? 105 ASP A OD1 1 
ATOM   59  O  OD2 . ASP A 1 7  ? -15.223 5.917   -4.426  1.00 15.11 ? 105 ASP A OD2 1 
ATOM   60  N  N   . GLY A 1 8  ? -16.030 7.400   -1.997  1.00 13.88 ? 106 GLY A N   1 
ATOM   61  C  CA  . GLY A 1 8  ? -15.806 6.841   -0.679  1.00 12.80 ? 106 GLY A CA  1 
ATOM   62  C  C   . GLY A 1 8  ? -14.993 5.560   -0.665  1.00 12.73 ? 106 GLY A C   1 
ATOM   63  O  O   . GLY A 1 8  ? -14.833 4.953   0.389   1.00 13.65 ? 106 GLY A O   1 
ATOM   64  N  N   . TRP A 1 9  ? -14.482 5.144   -1.823  1.00 10.94 ? 107 TRP A N   1 
ATOM   65  C  CA  . TRP A 1 9  ? -13.684 3.920   -1.913  1.00 10.84 ? 107 TRP A CA  1 
ATOM   66  C  C   . TRP A 1 9  ? -12.472 4.104   -2.819  1.00 11.01 ? 107 TRP A C   1 
ATOM   67  O  O   . TRP A 1 9  ? -12.389 5.076   -3.564  1.00 11.83 ? 107 TRP A O   1 
ATOM   68  C  CB  . TRP A 1 9  ? -14.523 2.765   -2.474  1.00 12.16 ? 107 TRP A CB  1 
ATOM   69  C  CG  . TRP A 1 9  ? -15.796 2.503   -1.729  1.00 11.37 ? 107 TRP A CG  1 
ATOM   70  C  CD1 . TRP A 1 9  ? -17.020 3.066   -1.960  1.00 12.54 ? 107 TRP A CD1 1 
ATOM   71  C  CD2 . TRP A 1 9  ? -15.957 1.638   -0.602  1.00 11.64 ? 107 TRP A CD2 1 
ATOM   72  N  NE1 . TRP A 1 9  ? -17.936 2.605   -1.040  1.00 11.62 ? 107 TRP A NE1 1 
ATOM   73  C  CE2 . TRP A 1 9  ? -17.308 1.728   -0.195  1.00 11.86 ? 107 TRP A CE2 1 
ATOM   74  C  CE3 . TRP A 1 9  ? -15.089 0.796   0.106   1.00 11.31 ? 107 TRP A CE3 1 
ATOM   75  C  CZ2 . TRP A 1 9  ? -17.812 1.006   0.891   1.00 12.35 ? 107 TRP A CZ2 1 
ATOM   76  C  CZ3 . TRP A 1 9  ? -15.590 0.077   1.186   1.00 11.19 ? 107 TRP A CZ3 1 
ATOM   77  C  CH2 . TRP A 1 9  ? -16.941 0.188   1.566   1.00 10.57 ? 107 TRP A CH2 1 
ATOM   78  N  N   . TYR A 1 10 ? -11.528 3.169   -2.736  1.00 9.79  ? 108 TYR A N   1 
ATOM   79  C  CA  . TYR A 1 10 ? -10.339 3.186   -3.584  1.00 8.98  ? 108 TYR A CA  1 
ATOM   80  C  C   . TYR A 1 10 ? -10.562 2.007   -4.530  1.00 10.10 ? 108 TYR A C   1 
ATOM   81  O  O   . TYR A 1 10 ? -10.513 0.853   -4.108  1.00 9.10  ? 108 TYR A O   1 
ATOM   82  C  CB  . TYR A 1 10 ? -9.075  2.961   -2.755  1.00 9.52  ? 108 TYR A CB  1 
ATOM   83  C  CG  . TYR A 1 10 ? -8.777  4.049   -1.748  1.00 8.72  ? 108 TYR A CG  1 
ATOM   84  C  CD1 . TYR A 1 10 ? -8.322  3.728   -0.470  1.00 11.98 ? 108 TYR A CD1 1 
ATOM   85  C  CD2 . TYR A 1 10 ? -8.926  5.401   -2.074  1.00 10.99 ? 108 TYR A CD2 1 
ATOM   86  C  CE1 . TYR A 1 10 ? -8.023  4.716   0.462   1.00 11.39 ? 108 TYR A CE1 1 
ATOM   87  C  CE2 . TYR A 1 10 ? -8.625  6.405   -1.143  1.00 9.70  ? 108 TYR A CE2 1 
ATOM   88  C  CZ  . TYR A 1 10 ? -8.176  6.048   0.125   1.00 10.59 ? 108 TYR A CZ  1 
ATOM   89  O  OH  . TYR A 1 10 ? -7.893  7.010   1.070   1.00 9.93  ? 108 TYR A OH  1 
ATOM   90  N  N   . GLU A 1 11 ? -10.819 2.293   -5.803  1.00 11.15 ? 109 GLU A N   1 
ATOM   91  C  CA  . GLU A 1 11 ? -11.092 1.231   -6.759  1.00 11.91 ? 109 GLU A CA  1 
ATOM   92  C  C   . GLU A 1 11 ? -10.741 1.596   -8.196  1.00 12.25 ? 109 GLU A C   1 
ATOM   93  O  O   . GLU A 1 11 ? -10.350 2.723   -8.487  1.00 11.81 ? 109 GLU A O   1 
ATOM   94  C  CB  . GLU A 1 11 ? -12.578 0.870   -6.704  1.00 12.33 ? 109 GLU A CB  1 
ATOM   95  C  CG  . GLU A 1 11 ? -13.492 1.912   -7.369  1.00 11.31 ? 109 GLU A CG  1 
ATOM   96  C  CD  . GLU A 1 11 ? -13.425 3.284   -6.711  1.00 11.34 ? 109 GLU A CD  1 
ATOM   97  O  OE1 . GLU A 1 11 ? -13.599 4.295   -7.423  1.00 11.75 ? 109 GLU A OE1 1 
ATOM   98  O  OE2 . GLU A 1 11 ? -13.212 3.358   -5.484  1.00 12.14 ? 109 GLU A OE2 1 
ATOM   99  N  N   . GLY A 1 12 ? -10.904 0.621   -9.083  1.00 13.86 ? 110 GLY A N   1 
ATOM   100 C  CA  . GLY A 1 12 ? -10.643 0.818   -10.498 1.00 15.27 ? 110 GLY A CA  1 
ATOM   101 C  C   . GLY A 1 12 ? -9.360  1.532   -10.879 1.00 16.31 ? 110 GLY A C   1 
ATOM   102 O  O   . GLY A 1 12 ? -8.269  1.135   -10.470 1.00 15.04 ? 110 GLY A O   1 
ATOM   103 N  N   . ASP A 1 13 ? -9.495  2.591   -11.673 1.00 17.06 ? 111 ASP A N   1 
ATOM   104 C  CA  . ASP A 1 13 ? -8.342  3.354   -12.134 1.00 18.78 ? 111 ASP A CA  1 
ATOM   105 C  C   . ASP A 1 13 ? -7.560  4.023   -11.013 1.00 17.10 ? 111 ASP A C   1 
ATOM   106 O  O   . ASP A 1 13 ? -6.426  4.458   -11.211 1.00 17.09 ? 111 ASP A O   1 
ATOM   107 C  CB  . ASP A 1 13 ? -8.774  4.389   -13.173 1.00 23.72 ? 111 ASP A CB  1 
ATOM   108 C  CG  . ASP A 1 13 ? -9.384  3.744   -14.406 1.00 27.09 ? 111 ASP A CG  1 
ATOM   109 O  OD1 . ASP A 1 13 ? -8.955  2.624   -14.758 1.00 30.27 ? 111 ASP A OD1 1 
ATOM   110 O  OD2 . ASP A 1 13 ? -10.281 4.355   -15.028 1.00 30.10 ? 111 ASP A OD2 1 
ATOM   111 N  N   . GLU A 1 14 ? -8.167  4.103   -9.835  1.00 14.58 ? 112 GLU A N   1 
ATOM   112 C  CA  . GLU A 1 14 ? -7.495  4.690   -8.688  1.00 13.53 ? 112 GLU A CA  1 
ATOM   113 C  C   . GLU A 1 14 ? -6.445  3.691   -8.217  1.00 13.29 ? 112 GLU A C   1 
ATOM   114 O  O   . GLU A 1 14 ? -5.518  4.043   -7.485  1.00 13.73 ? 112 GLU A O   1 
ATOM   115 C  CB  . GLU A 1 14 ? -8.503  4.964   -7.574  1.00 12.90 ? 112 GLU A CB  1 
ATOM   116 C  CG  . GLU A 1 14 ? -9.532  6.007   -7.949  1.00 12.84 ? 112 GLU A CG  1 
ATOM   117 C  CD  . GLU A 1 14 ? -10.696 6.062   -6.986  1.00 12.36 ? 112 GLU A CD  1 
ATOM   118 O  OE1 . GLU A 1 14 ? -11.541 6.971   -7.141  1.00 9.74  ? 112 GLU A OE1 1 
ATOM   119 O  OE2 . GLU A 1 14 ? -10.773 5.195   -6.085  1.00 10.89 ? 112 GLU A OE2 1 
ATOM   120 N  N   . LEU A 1 15 ? -6.595  2.442   -8.654  1.00 11.92 ? 113 LEU A N   1 
ATOM   121 C  CA  . LEU A 1 15 ? -5.661  1.377   -8.294  1.00 11.08 ? 113 LEU A CA  1 
ATOM   122 C  C   . LEU A 1 15 ? -4.774  1.009   -9.478  1.00 11.24 ? 113 LEU A C   1 
ATOM   123 O  O   . LEU A 1 15 ? -3.882  0.171   -9.355  1.00 12.09 ? 113 LEU A O   1 
ATOM   124 C  CB  . LEU A 1 15 ? -6.428  0.129   -7.853  1.00 10.72 ? 113 LEU A CB  1 
ATOM   125 C  CG  . LEU A 1 15 ? -7.451  0.270   -6.727  1.00 11.31 ? 113 LEU A CG  1 
ATOM   126 C  CD1 . LEU A 1 15 ? -8.006  -1.107  -6.381  1.00 9.26  ? 113 LEU A CD1 1 
ATOM   127 C  CD2 . LEU A 1 15 ? -6.791  0.899   -5.505  1.00 10.81 ? 113 LEU A CD2 1 
ATOM   128 N  N   . LEU A 1 16 ? -5.025  1.635   -10.623 1.00 11.24 ? 114 LEU A N   1 
ATOM   129 C  CA  . LEU A 1 16 ? -4.265  1.355   -11.833 1.00 10.02 ? 114 LEU A CA  1 
ATOM   130 C  C   . LEU A 1 16 ? -2.931  2.088   -11.865 1.00 10.38 ? 114 LEU A C   1 
ATOM   131 O  O   . LEU A 1 16 ? -2.874  3.281   -12.175 1.00 11.43 ? 114 LEU A O   1 
ATOM   132 C  CB  . LEU A 1 16 ? -5.092  1.731   -13.067 1.00 11.85 ? 114 LEU A CB  1 
ATOM   133 C  CG  . LEU A 1 16 ? -4.487  1.310   -14.408 1.00 13.45 ? 114 LEU A CG  1 
ATOM   134 C  CD1 . LEU A 1 16 ? -4.343  -0.207  -14.443 1.00 13.53 ? 114 LEU A CD1 1 
ATOM   135 C  CD2 . LEU A 1 16 ? -5.368  1.789   -15.548 1.00 14.59 ? 114 LEU A CD2 1 
ATOM   136 N  N   . ALA A 1 17 ? -1.860  1.359   -11.564 1.00 8.88  ? 115 ALA A N   1 
ATOM   137 C  CA  . ALA A 1 17 ? -0.518  1.924   -11.542 1.00 9.25  ? 115 ALA A CA  1 
ATOM   138 C  C   . ALA A 1 17 ? 0.331   1.425   -12.709 1.00 9.93  ? 115 ALA A C   1 
ATOM   139 O  O   . ALA A 1 17 ? -0.047  0.494   -13.422 1.00 11.14 ? 115 ALA A O   1 
ATOM   140 C  CB  . ALA A 1 17 ? 0.160   1.577   -10.221 1.00 8.64  ? 115 ALA A CB  1 
HETATM 141 N  N   . NH2 A 1 18 ? 1.490   2.035   -12.912 1.00 8.09  ? 116 NH2 A N   1 
ATOM   142 N  N   . TYR B 1 1  ? 11.756  -12.822 8.054   1.00 8.25  ? 99  TYR B N   1 
ATOM   143 C  CA  . TYR B 1 1  ? 11.161  -11.467 7.890   1.00 9.18  ? 99  TYR B CA  1 
ATOM   144 C  C   . TYR B 1 1  ? 10.175  -11.442 6.727   1.00 9.03  ? 99  TYR B C   1 
ATOM   145 O  O   . TYR B 1 1  ? 10.260  -12.261 5.826   1.00 7.56  ? 99  TYR B O   1 
ATOM   146 C  CB  . TYR B 1 1  ? 12.258  -10.434 7.635   1.00 8.80  ? 99  TYR B CB  1 
ATOM   147 C  CG  . TYR B 1 1  ? 13.289  -10.330 8.731   1.00 9.88  ? 99  TYR B CG  1 
ATOM   148 C  CD1 . TYR B 1 1  ? 14.573  -10.839 8.556   1.00 10.35 ? 99  TYR B CD1 1 
ATOM   149 C  CD2 . TYR B 1 1  ? 12.988  -9.705  9.933   1.00 10.83 ? 99  TYR B CD2 1 
ATOM   150 C  CE1 . TYR B 1 1  ? 15.533  -10.724 9.550   1.00 11.96 ? 99  TYR B CE1 1 
ATOM   151 C  CE2 . TYR B 1 1  ? 13.940  -9.584  10.934  1.00 12.27 ? 99  TYR B CE2 1 
ATOM   152 C  CZ  . TYR B 1 1  ? 15.209  -10.093 10.736  1.00 11.72 ? 99  TYR B CZ  1 
ATOM   153 O  OH  . TYR B 1 1  ? 16.157  -9.961  11.723  1.00 12.78 ? 99  TYR B OH  1 
ATOM   154 N  N   . ILE B 1 2  ? 9.243   -10.494 6.759   1.00 9.48  ? 100 ILE B N   1 
ATOM   155 C  CA  . ILE B 1 2  ? 8.240   -10.351 5.707   1.00 10.79 ? 100 ILE B CA  1 
ATOM   156 C  C   . ILE B 1 2  ? 8.318   -8.936  5.133   1.00 11.12 ? 100 ILE B C   1 
ATOM   157 O  O   . ILE B 1 2  ? 8.095   -7.961  5.847   1.00 11.30 ? 100 ILE B O   1 
ATOM   158 C  CB  . ILE B 1 2  ? 6.815   -10.594 6.263   1.00 9.87  ? 100 ILE B CB  1 
ATOM   159 C  CG1 . ILE B 1 2  ? 6.686   -12.032 6.775   1.00 10.63 ? 100 ILE B CG1 1 
ATOM   160 C  CG2 . ILE B 1 2  ? 5.781   -10.324 5.184   1.00 12.67 ? 100 ILE B CG2 1 
ATOM   161 C  CD1 . ILE B 1 2  ? 6.884   -13.100 5.698   1.00 8.67  ? 100 ILE B CD1 1 
ATOM   162 N  N   . ASP B 1 3  ? 8.636   -8.827  3.845   1.00 12.58 ? 101 ASP B N   1 
ATOM   163 C  CA  . ASP B 1 3  ? 8.749   -7.524  3.192   1.00 11.44 ? 101 ASP B CA  1 
ATOM   164 C  C   . ASP B 1 3  ? 7.369   -6.929  2.911   1.00 11.87 ? 101 ASP B C   1 
ATOM   165 O  O   . ASP B 1 3  ? 6.964   -6.791  1.758   1.00 12.48 ? 101 ASP B O   1 
ATOM   166 C  CB  . ASP B 1 3  ? 9.519   -7.658  1.877   1.00 12.31 ? 101 ASP B CB  1 
ATOM   167 C  CG  . ASP B 1 3  ? 9.719   -6.323  1.184   1.00 12.81 ? 101 ASP B CG  1 
ATOM   168 O  OD1 . ASP B 1 3  ? 10.064  -6.317  -0.015  1.00 11.13 ? 101 ASP B OD1 1 
ATOM   169 O  OD2 . ASP B 1 3  ? 9.539   -5.276  1.843   1.00 14.97 ? 101 ASP B OD2 1 
ATOM   170 N  N   . THR B 1 4  ? 6.667   -6.556  3.973   1.00 10.15 ? 102 THR B N   1 
ATOM   171 C  CA  . THR B 1 4  ? 5.324   -5.999  3.875   1.00 11.83 ? 102 THR B CA  1 
ATOM   172 C  C   . THR B 1 4  ? 5.139   -4.827  2.918   1.00 12.38 ? 102 THR B C   1 
ATOM   173 O  O   . THR B 1 4  ? 4.150   -4.779  2.185   1.00 11.47 ? 102 THR B O   1 
ATOM   174 C  CB  . THR B 1 4  ? 4.816   -5.559  5.263   1.00 12.17 ? 102 THR B CB  1 
ATOM   175 O  OG1 . THR B 1 4  ? 4.850   -6.677  6.155   1.00 13.44 ? 102 THR B OG1 1 
ATOM   176 C  CG2 . THR B 1 4  ? 3.388   -5.038  5.174   1.00 11.64 ? 102 THR B CG2 1 
ATOM   177 N  N   . ASN B 1 5  ? 6.077   -3.885  2.916   1.00 12.33 ? 103 ASN B N   1 
ATOM   178 C  CA  . ASN B 1 5  ? 5.951   -2.717  2.054   1.00 12.63 ? 103 ASN B CA  1 
ATOM   179 C  C   . ASN B 1 5  ? 6.456   -2.941  0.632   1.00 13.29 ? 103 ASN B C   1 
ATOM   180 O  O   . ASN B 1 5  ? 6.476   -2.021  -0.183  1.00 14.40 ? 103 ASN B O   1 
ATOM   181 C  CB  . ASN B 1 5  ? 6.636   -1.508  2.710   1.00 13.24 ? 103 ASN B CB  1 
ATOM   182 C  CG  . ASN B 1 5  ? 8.118   -1.439  2.428   1.00 11.12 ? 103 ASN B CG  1 
ATOM   183 O  OD1 . ASN B 1 5  ? 8.777   -2.451  2.218   1.00 10.19 ? 103 ASN B OD1 1 
ATOM   184 N  ND2 . ASN B 1 5  ? 8.654   -0.225  2.440   1.00 12.24 ? 103 ASN B ND2 1 
ATOM   185 N  N   . ASN B 1 6  ? 6.869   -4.171  0.349   1.00 13.59 ? 104 ASN B N   1 
ATOM   186 C  CA  . ASN B 1 6  ? 7.332   -4.560  -0.979  1.00 13.71 ? 104 ASN B CA  1 
ATOM   187 C  C   . ASN B 1 6  ? 8.448   -3.713  -1.592  1.00 15.16 ? 104 ASN B C   1 
ATOM   188 O  O   . ASN B 1 6  ? 8.332   -3.296  -2.745  1.00 13.85 ? 104 ASN B O   1 
ATOM   189 C  CB  . ASN B 1 6  ? 6.144   -4.560  -1.947  1.00 14.73 ? 104 ASN B CB  1 
ATOM   190 C  CG  . ASN B 1 6  ? 4.930   -5.274  -1.386  1.00 15.02 ? 104 ASN B CG  1 
ATOM   191 O  OD1 . ASN B 1 6  ? 5.014   -6.428  -0.974  1.00 17.20 ? 104 ASN B OD1 1 
ATOM   192 N  ND2 . ASN B 1 6  ? 3.791   -4.590  -1.373  1.00 12.18 ? 104 ASN B ND2 1 
ATOM   193 N  N   . ASP B 1 7  ? 9.528   -3.467  -0.856  1.00 13.57 ? 105 ASP B N   1 
ATOM   194 C  CA  . ASP B 1 7  ? 10.612  -2.658  -1.411  1.00 14.22 ? 105 ASP B CA  1 
ATOM   195 C  C   . ASP B 1 7  ? 11.945  -3.385  -1.538  1.00 14.31 ? 105 ASP B C   1 
ATOM   196 O  O   . ASP B 1 7  ? 12.960  -2.772  -1.854  1.00 13.70 ? 105 ASP B O   1 
ATOM   197 C  CB  . ASP B 1 7  ? 10.799  -1.374  -0.590  1.00 15.09 ? 105 ASP B CB  1 
ATOM   198 C  CG  . ASP B 1 7  ? 11.255  -1.645  0.831   1.00 14.19 ? 105 ASP B CG  1 
ATOM   199 O  OD1 . ASP B 1 7  ? 11.386  -0.672  1.600   1.00 14.50 ? 105 ASP B OD1 1 
ATOM   200 O  OD2 . ASP B 1 7  ? 11.484  -2.821  1.180   1.00 14.72 ? 105 ASP B OD2 1 
ATOM   201 N  N   . GLY B 1 8  ? 11.947  -4.690  -1.288  1.00 13.81 ? 106 GLY B N   1 
ATOM   202 C  CA  . GLY B 1 8  ? 13.178  -5.447  -1.412  1.00 12.93 ? 106 GLY B CA  1 
ATOM   203 C  C   . GLY B 1 8  ? 14.043  -5.480  -0.169  1.00 12.94 ? 106 GLY B C   1 
ATOM   204 O  O   . GLY B 1 8  ? 15.122  -6.070  -0.184  1.00 12.14 ? 106 GLY B O   1 
ATOM   205 N  N   . TRP B 1 9  ? 13.582  -4.848  0.904   1.00 13.04 ? 107 TRP B N   1 
ATOM   206 C  CA  . TRP B 1 9  ? 14.330  -4.835  2.160   1.00 11.59 ? 107 TRP B CA  1 
ATOM   207 C  C   . TRP B 1 9  ? 13.413  -5.120  3.341   1.00 9.33  ? 107 TRP B C   1 
ATOM   208 O  O   . TRP B 1 9  ? 12.196  -4.991  3.243   1.00 8.91  ? 107 TRP B O   1 
ATOM   209 C  CB  . TRP B 1 9  ? 14.999  -3.475  2.393   1.00 12.96 ? 107 TRP B CB  1 
ATOM   210 C  CG  . TRP B 1 9  ? 15.922  -3.040  1.306   1.00 14.64 ? 107 TRP B CG  1 
ATOM   211 C  CD1 . TRP B 1 9  ? 15.577  -2.460  0.123   1.00 17.07 ? 107 TRP B CD1 1 
ATOM   212 C  CD2 . TRP B 1 9  ? 17.348  -3.153  1.298   1.00 15.12 ? 107 TRP B CD2 1 
ATOM   213 N  NE1 . TRP B 1 9  ? 16.700  -2.201  -0.625  1.00 19.06 ? 107 TRP B NE1 1 
ATOM   214 C  CE2 . TRP B 1 9  ? 17.802  -2.618  0.073   1.00 16.72 ? 107 TRP B CE2 1 
ATOM   215 C  CE3 . TRP B 1 9  ? 18.289  -3.657  2.206   1.00 18.02 ? 107 TRP B CE3 1 
ATOM   216 C  CZ2 . TRP B 1 9  ? 19.156  -2.572  -0.270  1.00 15.72 ? 107 TRP B CZ2 1 
ATOM   217 C  CZ3 . TRP B 1 9  ? 19.638  -3.612  1.865   1.00 16.28 ? 107 TRP B CZ3 1 
ATOM   218 C  CH2 . TRP B 1 9  ? 20.057  -3.071  0.637   1.00 15.25 ? 107 TRP B CH2 1 
ATOM   219 N  N   . TYR B 1 10 ? 14.015  -5.521  4.455   1.00 10.66 ? 108 TYR B N   1 
ATOM   220 C  CA  . TYR B 1 10 ? 13.285  -5.788  5.688   1.00 9.33  ? 108 TYR B CA  1 
ATOM   221 C  C   . TYR B 1 10 ? 13.666  -4.608  6.577   1.00 11.09 ? 108 TYR B C   1 
ATOM   222 O  O   . TYR B 1 10 ? 14.834  -4.454  6.934   1.00 10.87 ? 108 TYR B O   1 
ATOM   223 C  CB  . TYR B 1 10 ? 13.759  -7.096  6.316   1.00 9.34  ? 108 TYR B CB  1 
ATOM   224 C  CG  . TYR B 1 10 ? 13.510  -8.324  5.464   1.00 9.56  ? 108 TYR B CG  1 
ATOM   225 C  CD1 . TYR B 1 10 ? 14.511  -9.276  5.278   1.00 7.79  ? 108 TYR B CD1 1 
ATOM   226 C  CD2 . TYR B 1 10 ? 12.266  -8.553  4.873   1.00 7.82  ? 108 TYR B CD2 1 
ATOM   227 C  CE1 . TYR B 1 10 ? 14.287  -10.424 4.529   1.00 10.66 ? 108 TYR B CE1 1 
ATOM   228 C  CE2 . TYR B 1 10 ? 12.029  -9.705  4.120   1.00 9.64  ? 108 TYR B CE2 1 
ATOM   229 C  CZ  . TYR B 1 10 ? 13.047  -10.637 3.952   1.00 10.71 ? 108 TYR B CZ  1 
ATOM   230 O  OH  . TYR B 1 10 ? 12.840  -11.775 3.201   1.00 11.82 ? 108 TYR B OH  1 
ATOM   231 N  N   . GLU B 1 11 ? 12.690  -3.776  6.926   1.00 10.92 ? 109 GLU B N   1 
ATOM   232 C  CA  . GLU B 1 11 ? 12.977  -2.595  7.729   1.00 13.01 ? 109 GLU B CA  1 
ATOM   233 C  C   . GLU B 1 11 ? 11.823  -2.114  8.601   1.00 13.70 ? 109 GLU B C   1 
ATOM   234 O  O   . GLU B 1 11 ? 10.684  -2.547  8.452   1.00 14.42 ? 109 GLU B O   1 
ATOM   235 C  CB  . GLU B 1 11 ? 13.370  -1.442  6.804   1.00 15.49 ? 109 GLU B CB  1 
ATOM   236 C  CG  . GLU B 1 11 ? 12.179  -0.819  6.062   1.00 14.15 ? 109 GLU B CG  1 
ATOM   237 C  CD  . GLU B 1 11 ? 11.580  -1.728  4.991   1.00 16.56 ? 109 GLU B CD  1 
ATOM   238 O  OE1 . GLU B 1 11 ? 10.345  -1.683  4.789   1.00 17.39 ? 109 GLU B OE1 1 
ATOM   239 O  OE2 . GLU B 1 11 ? 12.340  -2.473  4.338   1.00 16.33 ? 109 GLU B OE2 1 
ATOM   240 N  N   . GLY B 1 12 ? 12.145  -1.185  9.497   1.00 14.27 ? 110 GLY B N   1 
ATOM   241 C  CA  . GLY B 1 12 ? 11.159  -0.588  10.382  1.00 15.03 ? 110 GLY B CA  1 
ATOM   242 C  C   . GLY B 1 12 ? 10.100  -1.489  10.984  1.00 14.54 ? 110 GLY B C   1 
ATOM   243 O  O   . GLY B 1 12 ? 10.411  -2.454  11.680  1.00 14.74 ? 110 GLY B O   1 
ATOM   244 N  N   . ASP B 1 13 ? 8.837   -1.167  10.719  1.00 14.86 ? 111 ASP B N   1 
ATOM   245 C  CA  . ASP B 1 13 ? 7.728   -1.943  11.262  1.00 15.28 ? 111 ASP B CA  1 
ATOM   246 C  C   . ASP B 1 13 ? 7.751   -3.406  10.838  1.00 15.21 ? 111 ASP B C   1 
ATOM   247 O  O   . ASP B 1 13 ? 7.041   -4.234  11.409  1.00 15.11 ? 111 ASP B O   1 
ATOM   248 C  CB  . ASP B 1 13 ? 6.395   -1.306  10.866  1.00 18.76 ? 111 ASP B CB  1 
ATOM   249 C  CG  . ASP B 1 13 ? 6.315   0.154   11.259  1.00 18.04 ? 111 ASP B CG  1 
ATOM   250 O  OD1 . ASP B 1 13 ? 6.832   0.513   12.337  1.00 19.28 ? 111 ASP B OD1 1 
ATOM   251 O  OD2 . ASP B 1 13 ? 5.728   0.945   10.495  1.00 24.11 ? 111 ASP B OD2 1 
ATOM   252 N  N   . GLU B 1 14 ? 8.562   -3.724  9.835   1.00 15.30 ? 112 GLU B N   1 
ATOM   253 C  CA  . GLU B 1 14 ? 8.679   -5.097  9.368   1.00 14.55 ? 112 GLU B CA  1 
ATOM   254 C  C   . GLU B 1 14 ? 9.549   -5.867  10.355  1.00 15.75 ? 112 GLU B C   1 
ATOM   255 O  O   . GLU B 1 14 ? 9.629   -7.098  10.312  1.00 17.03 ? 112 GLU B O   1 
ATOM   256 C  CB  . GLU B 1 14 ? 9.308   -5.130  7.973   1.00 13.12 ? 112 GLU B CB  1 
ATOM   257 C  CG  . GLU B 1 14 ? 8.422   -4.536  6.893   1.00 10.91 ? 112 GLU B CG  1 
ATOM   258 C  CD  . GLU B 1 14 ? 9.139   -4.344  5.571   1.00 10.53 ? 112 GLU B CD  1 
ATOM   259 O  OE1 . GLU B 1 14 ? 8.476   -3.926  4.599   1.00 9.09  ? 112 GLU B OE1 1 
ATOM   260 O  OE2 . GLU B 1 14 ? 10.360  -4.602  5.502   1.00 10.86 ? 112 GLU B OE2 1 
ATOM   261 N  N   . LEU B 1 15 ? 10.197  -5.132  11.252  1.00 14.89 ? 113 LEU B N   1 
ATOM   262 C  CA  . LEU B 1 15 ? 11.060  -5.746  12.250  1.00 13.89 ? 113 LEU B CA  1 
ATOM   263 C  C   . LEU B 1 15 ? 10.397  -5.785  13.622  1.00 13.95 ? 113 LEU B C   1 
ATOM   264 O  O   . LEU B 1 15 ? 11.026  -6.145  14.614  1.00 14.83 ? 113 LEU B O   1 
ATOM   265 C  CB  . LEU B 1 15 ? 12.388  -4.992  12.329  1.00 12.90 ? 113 LEU B CB  1 
ATOM   266 C  CG  . LEU B 1 15 ? 13.150  -4.813  11.010  1.00 13.56 ? 113 LEU B CG  1 
ATOM   267 C  CD1 . LEU B 1 15 ? 14.534  -4.252  11.311  1.00 11.00 ? 113 LEU B CD1 1 
ATOM   268 C  CD2 . LEU B 1 15 ? 13.270  -6.142  10.279  1.00 12.30 ? 113 LEU B CD2 1 
ATOM   269 N  N   . LEU B 1 16 ? 9.124   -5.406  13.677  1.00 14.23 ? 114 LEU B N   1 
ATOM   270 C  CA  . LEU B 1 16 ? 8.378   -5.425  14.932  1.00 14.94 ? 114 LEU B CA  1 
ATOM   271 C  C   . LEU B 1 16 ? 7.953   -6.848  15.275  1.00 15.84 ? 114 LEU B C   1 
ATOM   272 O  O   . LEU B 1 16 ? 7.441   -7.574  14.426  1.00 17.06 ? 114 LEU B O   1 
ATOM   273 C  CB  . LEU B 1 16 ? 7.137   -4.542  14.835  1.00 14.13 ? 114 LEU B CB  1 
ATOM   274 C  CG  . LEU B 1 16 ? 7.348   -3.040  15.012  1.00 14.98 ? 114 LEU B CG  1 
ATOM   275 C  CD1 . LEU B 1 16 ? 6.026   -2.324  14.813  1.00 16.28 ? 114 LEU B CD1 1 
ATOM   276 C  CD2 . LEU B 1 16 ? 7.903   -2.755  16.402  1.00 13.21 ? 114 LEU B CD2 1 
ATOM   277 N  N   . ALA B 1 17 ? 8.177   -7.238  16.524  1.00 15.47 ? 115 ALA B N   1 
ATOM   278 C  CA  . ALA B 1 17 ? 7.821   -8.568  16.988  1.00 16.53 ? 115 ALA B CA  1 
ATOM   279 C  C   . ALA B 1 17 ? 7.288   -8.468  18.412  1.00 17.83 ? 115 ALA B C   1 
ATOM   280 O  O   . ALA B 1 17 ? 6.631   -7.491  18.771  1.00 18.65 ? 115 ALA B O   1 
ATOM   281 C  CB  . ALA B 1 17 ? 9.036   -9.475  16.947  1.00 15.89 ? 115 ALA B CB  1 
HETATM 282 N  N   . NH2 B 1 18 ? 7.575   -9.469  19.238  1.00 17.93 ? 116 NH2 B N   1 
HETATM 283 TB TB  . TB  C 2 .  ? -13.149 5.842   -5.594  1.00 16.25 ? 201 TB  A TB  1 
HETATM 284 CL CL  . CL  D 3 .  ? 2.408   -0.885  -15.237 1.00 9.69  ? 203 CL  A CL  1 
HETATM 285 CL CL  . CL  E 3 .  ? -8.409  10.619  -1.069  1.00 11.96 ? 204 CL  A CL  1 
HETATM 286 CL CL  . CL  F 3 .  ? -2.046  8.614   -0.610  1.00 13.95 ? 205 CL  A CL  1 
HETATM 287 TB TB  . TB  G 2 .  ? 10.455  -3.587  3.247   1.00 18.15 ? 202 TB  B TB  1 
HETATM 288 O  O   . HOH H 4 .  ? -1.197  5.449   -11.538 1.00 12.63 ? 2   HOH A O   1 
HETATM 289 O  O   . HOH H 4 .  ? -4.648  6.528   -10.586 1.00 18.58 ? 3   HOH A O   1 
HETATM 290 O  O   . HOH H 4 .  ? -11.681 14.559  -7.506  1.00 13.98 ? 7   HOH A O   1 
HETATM 291 O  O   . HOH H 4 .  ? -1.572  3.974   -0.813  1.00 31.21 ? 8   HOH A O   1 
HETATM 292 O  O   . HOH H 4 .  ? -10.755 11.944  -1.995  1.00 19.27 ? 9   HOH A O   1 
HETATM 293 O  O   . HOH H 4 .  ? -16.871 2.440   -5.661  1.00 25.39 ? 10  HOH A O   1 
HETATM 294 O  O   . HOH H 4 .  ? -3.426  5.591   -8.474  1.00 24.23 ? 12  HOH A O   1 
HETATM 295 O  O   . HOH H 4 .  ? -11.061 14.024  -3.506  1.00 8.21  ? 13  HOH A O   1 
HETATM 296 O  O   . HOH H 4 .  ? -7.464  7.939   -10.484 1.00 25.94 ? 16  HOH A O   1 
HETATM 297 O  O   . HOH H 4 .  ? -4.195  5.582   -13.341 1.00 17.15 ? 17  HOH A O   1 
HETATM 298 O  O   . HOH H 4 .  ? -16.453 7.415   -11.445 1.00 18.39 ? 18  HOH A O   1 
HETATM 299 O  O   . HOH H 4 .  ? -4.259  9.818   -8.497  1.00 23.38 ? 19  HOH A O   1 
HETATM 300 O  O   . HOH H 4 .  ? -6.006  7.879   -7.571  1.00 29.55 ? 20  HOH A O   1 
HETATM 301 O  O   . HOH H 4 .  ? -8.821  1.121   -16.964 1.00 14.36 ? 23  HOH A O   1 
HETATM 302 O  O   . HOH H 4 .  ? -12.387 3.558   -12.238 1.00 12.43 ? 26  HOH A O   1 
HETATM 303 O  O   . HOH H 4 .  ? -16.069 -0.699  -6.900  1.00 18.92 ? 27  HOH A O   1 
HETATM 304 O  O   . HOH H 4 .  ? -2.824  7.191   -12.138 1.00 9.48  ? 29  HOH A O   1 
HETATM 305 O  O   . HOH H 4 .  ? -7.357  17.542  -8.647  1.00 42.67 ? 30  HOH A O   1 
HETATM 306 O  O   . HOH H 4 .  ? -1.421  7.814   -14.120 1.00 9.86  ? 32  HOH A O   1 
HETATM 307 O  O   . HOH H 4 .  ? -11.191 7.767   -10.734 1.00 20.31 ? 35  HOH A O   1 
HETATM 308 O  O   . HOH H 4 .  ? -13.277 4.994   -14.149 1.00 32.19 ? 36  HOH A O   1 
HETATM 309 O  O   . HOH H 4 .  ? -8.861  15.006  -7.627  1.00 16.37 ? 38  HOH A O   1 
HETATM 310 O  O   . HOH H 4 .  ? -3.274  7.879   -6.459  1.00 28.70 ? 39  HOH A O   1 
HETATM 311 O  O   . HOH H 4 .  ? -20.721 2.857   -0.756  1.00 39.87 ? 42  HOH A O   1 
HETATM 312 O  O   . HOH H 4 .  ? -18.266 12.313  -1.551  1.00 31.13 ? 43  HOH A O   1 
HETATM 313 O  O   . HOH H 4 .  ? -12.339 10.193  -11.223 1.00 27.19 ? 45  HOH A O   1 
HETATM 314 O  O   . HOH I 4 .  ? 10.773  -13.140 3.795   1.00 1.16  ? 1   HOH B O   1 
HETATM 315 O  O   . HOH I 4 .  ? 7.248   -10.412 13.719  1.00 13.85 ? 4   HOH B O   1 
HETATM 316 O  O   . HOH I 4 .  ? 5.510   2.346   14.424  1.00 25.50 ? 5   HOH B O   1 
HETATM 317 O  O   . HOH I 4 .  ? 8.860   -9.285  9.277   1.00 16.17 ? 6   HOH B O   1 
HETATM 318 O  O   . HOH I 4 .  ? 8.206   -0.626  6.172   1.00 15.40 ? 11  HOH B O   1 
HETATM 319 O  O   . HOH I 4 .  ? 12.658  -14.112 5.392   1.00 30.29 ? 14  HOH B O   1 
HETATM 320 O  O   . HOH I 4 .  ? 5.670   -1.872  6.504   1.00 12.23 ? 15  HOH B O   1 
HETATM 321 O  O   . HOH I 4 .  ? 9.354   -11.178 20.441  1.00 20.09 ? 21  HOH B O   1 
HETATM 322 O  O   . HOH I 4 .  ? 9.641   4.495   9.428   1.00 37.97 ? 22  HOH B O   1 
HETATM 323 O  O   . HOH I 4 .  ? 8.628   0.759   8.371   1.00 12.99 ? 24  HOH B O   1 
HETATM 324 O  O   . HOH I 4 .  ? 14.245  -19.210 5.700   1.00 27.00 ? 25  HOH B O   1 
HETATM 325 O  O   . HOH I 4 .  ? 15.759  2.024   -4.824  1.00 37.06 ? 28  HOH B O   1 
HETATM 326 O  O   . HOH I 4 .  ? 13.844  -13.966 9.660   1.00 17.40 ? 31  HOH B O   1 
HETATM 327 O  O   . HOH I 4 .  ? 9.154   -12.460 15.431  1.00 44.76 ? 33  HOH B O   1 
HETATM 328 O  O   . HOH I 4 .  ? 15.891  -14.359 7.494   1.00 25.46 ? 34  HOH B O   1 
HETATM 329 O  O   . HOH I 4 .  ? 2.961   -2.304  -2.695  1.00 26.48 ? 37  HOH B O   1 
HETATM 330 O  O   . HOH I 4 .  ? 12.456  -16.915 4.996   1.00 23.10 ? 40  HOH B O   1 
HETATM 331 O  O   . HOH I 4 .  ? 8.880   2.950   11.463  1.00 41.59 ? 41  HOH B O   1 
HETATM 332 O  O   . HOH I 4 .  ? 11.286  2.588   8.108   1.00 37.09 ? 44  HOH B O   1 
# 
